data_4BA4
#
_entry.id   4BA4
#
_cell.length_a   58.837
_cell.length_b   61.897
_cell.length_c   63.907
_cell.angle_alpha   71.91
_cell.angle_beta   86.99
_cell.angle_gamma   74.58
#
_symmetry.space_group_name_H-M   'P 1'
#
loop_
_entity.id
_entity.type
_entity.pdbx_description
1 polymer AMINOTRANSFERASE
2 non-polymer 'SULFATE ION'
3 water water
#
_entity_poly.entity_id   1
_entity_poly.type   'polypeptide(L)'
_entity_poly.pdbx_seq_one_letter_code
;MQKQRTTSQWRELDAAHHLHPFTDTASLNQAGARVMTRGEGVYLWDSEGNKIIDGMAGLWCVNVGYGRKDFAEAARRQME
ELPFYNTFFKTTHPAVVELSSLLAEVTPAGFDRVFYTNSGSESVDTMIRMVRRYWDVQGKPEKKTLIGRWNGYHGSTIGG
ASLGGMKYMHEQGDLPIPGMAHIEQPWWYKHGKDMTPDEFGVVAARWLEEKILEIGADKVAAFVGEPIQGAGGVIVPPAT
YWPEIERICRKYDVLLVADEVICGFGRTGEWFGHQHFGFQPDLFTAAKGLSSGYLPIGAVFVGKRVAEGLIAGGDFNHGF
TYSGHPVCAAVAHANVAALRDEGIVQRVKDDIGPYMQKRWRETFSRFEHVDDVRGVGMVQAFTLVKNKAKRELFPDFGEI
GTLCRDIFFRNNLIMRACGDHIVSAPPLVMTRAEVDEMLAVAERCLEEFEQTLKARGLA
;
_entity_poly.pdbx_strand_id   A,B
#
# COMPACT_ATOMS: atom_id res chain seq x y z
N ALA A 33 -6.46 26.55 -14.71
CA ALA A 33 -7.91 26.80 -14.42
C ALA A 33 -8.77 25.59 -14.80
N ARG A 34 -8.24 24.76 -15.68
CA ARG A 34 -8.94 23.57 -16.21
C ARG A 34 -9.12 22.46 -15.19
N VAL A 35 -10.36 22.26 -14.74
CA VAL A 35 -10.66 21.19 -13.79
C VAL A 35 -11.52 20.11 -14.45
N MET A 36 -11.32 18.86 -14.03
CA MET A 36 -12.19 17.78 -14.50
C MET A 36 -13.52 17.88 -13.77
N THR A 37 -14.62 17.78 -14.52
CA THR A 37 -15.95 17.91 -13.88
C THR A 37 -16.71 16.60 -13.80
N ARG A 38 -16.64 15.77 -14.84
CA ARG A 38 -17.30 14.47 -14.80
C ARG A 38 -16.75 13.53 -15.85
N GLY A 39 -17.15 12.27 -15.74
CA GLY A 39 -16.77 11.24 -16.70
C GLY A 39 -17.95 10.34 -17.00
N GLU A 40 -18.00 9.86 -18.24
CA GLU A 40 -19.03 8.91 -18.66
CA GLU A 40 -19.03 8.90 -18.65
C GLU A 40 -18.52 8.08 -19.83
N GLY A 41 -18.58 6.76 -19.67
CA GLY A 41 -18.13 5.82 -20.69
C GLY A 41 -16.64 5.97 -20.92
N VAL A 42 -16.26 6.39 -22.11
CA VAL A 42 -14.83 6.58 -22.44
C VAL A 42 -14.42 8.05 -22.37
N TYR A 43 -15.36 8.91 -21.96
CA TYR A 43 -15.13 10.36 -22.00
C TYR A 43 -14.98 11.03 -20.64
N LEU A 44 -14.17 12.08 -20.62
CA LEU A 44 -14.08 13.00 -19.49
C LEU A 44 -14.48 14.37 -20.00
N TRP A 45 -15.04 15.20 -19.12
CA TRP A 45 -15.39 16.57 -19.47
C TRP A 45 -14.71 17.52 -18.55
N ASP A 46 -14.30 18.68 -19.08
CA ASP A 46 -13.68 19.68 -18.23
C ASP A 46 -14.64 20.83 -17.87
N SER A 47 -14.15 21.80 -17.09
CA SER A 47 -14.98 22.94 -16.65
C SER A 47 -15.42 23.87 -17.79
N GLU A 48 -14.78 23.72 -18.95
CA GLU A 48 -15.11 24.52 -20.13
CA GLU A 48 -15.07 24.52 -20.14
C GLU A 48 -16.04 23.78 -21.08
N GLY A 49 -16.50 22.60 -20.64
CA GLY A 49 -17.45 21.81 -21.41
C GLY A 49 -16.83 20.96 -22.50
N ASN A 50 -15.50 20.97 -22.57
CA ASN A 50 -14.79 20.18 -23.58
C ASN A 50 -14.81 18.70 -23.25
N LYS A 51 -15.08 17.89 -24.27
CA LYS A 51 -15.04 16.43 -24.17
C LYS A 51 -13.63 15.91 -24.46
N ILE A 52 -13.13 15.02 -23.60
CA ILE A 52 -11.77 14.48 -23.69
C ILE A 52 -11.92 12.97 -23.81
N ILE A 53 -11.24 12.37 -24.80
CA ILE A 53 -11.29 10.92 -24.96
C ILE A 53 -10.21 10.31 -24.06
N ASP A 54 -10.63 9.47 -23.11
CA ASP A 54 -9.62 8.85 -22.26
C ASP A 54 -9.12 7.55 -22.87
N GLY A 55 -8.10 7.67 -23.72
CA GLY A 55 -7.57 6.50 -24.40
C GLY A 55 -6.67 5.63 -23.53
N MET A 56 -6.60 5.96 -22.24
CA MET A 56 -5.77 5.24 -21.27
CA MET A 56 -5.79 5.17 -21.32
C MET A 56 -6.53 4.68 -20.08
N ALA A 57 -7.86 4.88 -20.03
CA ALA A 57 -8.67 4.38 -18.93
C ALA A 57 -8.09 4.67 -17.55
N GLY A 58 -7.88 5.95 -17.26
CA GLY A 58 -7.26 6.35 -15.99
C GLY A 58 -5.84 5.80 -15.95
N LEU A 59 -5.53 4.99 -14.94
CA LEU A 59 -4.21 4.34 -14.90
C LEU A 59 -4.25 2.93 -15.47
N TRP A 60 -4.58 2.82 -16.77
CA TRP A 60 -4.81 1.52 -17.44
C TRP A 60 -5.78 0.64 -16.70
N CYS A 61 -6.69 1.21 -15.91
CA CYS A 61 -7.48 0.40 -14.97
C CYS A 61 -8.98 0.59 -14.99
N VAL A 62 -9.48 1.65 -15.62
CA VAL A 62 -10.94 1.92 -15.57
C VAL A 62 -11.62 1.09 -16.66
N ASN A 63 -11.58 -0.23 -16.49
CA ASN A 63 -11.95 -1.11 -17.58
C ASN A 63 -13.43 -1.11 -17.99
N VAL A 64 -14.31 -0.90 -17.02
CA VAL A 64 -15.75 -0.80 -17.29
C VAL A 64 -16.16 0.61 -17.73
N GLY A 65 -15.20 1.53 -17.68
CA GLY A 65 -15.46 2.93 -18.02
C GLY A 65 -16.05 3.75 -16.90
N TYR A 66 -16.27 5.04 -17.20
CA TYR A 66 -16.68 6.01 -16.21
C TYR A 66 -18.20 6.04 -16.01
N GLY A 67 -18.61 6.63 -14.88
CA GLY A 67 -20.04 6.89 -14.64
C GLY A 67 -20.85 5.71 -14.13
N ARG A 68 -20.17 4.74 -13.52
CA ARG A 68 -20.85 3.59 -12.93
C ARG A 68 -21.51 3.96 -11.60
N LYS A 69 -22.70 4.56 -11.67
CA LYS A 69 -23.36 5.01 -10.44
C LYS A 69 -23.78 3.85 -9.56
N ASP A 70 -23.92 2.68 -10.17
CA ASP A 70 -24.21 1.46 -9.42
C ASP A 70 -23.10 1.05 -8.45
N PHE A 71 -21.87 1.41 -8.78
CA PHE A 71 -20.74 1.13 -7.87
C PHE A 71 -20.85 1.99 -6.61
N ALA A 72 -21.32 3.24 -6.78
CA ALA A 72 -21.53 4.15 -5.65
C ALA A 72 -22.55 3.58 -4.65
N GLU A 73 -23.63 3.02 -5.19
CA GLU A 73 -24.64 2.35 -4.37
C GLU A 73 -24.07 1.13 -3.64
N ALA A 74 -23.24 0.33 -4.32
CA ALA A 74 -22.55 -0.81 -3.70
C ALA A 74 -21.68 -0.37 -2.53
N ALA A 75 -20.91 0.71 -2.73
CA ALA A 75 -20.08 1.27 -1.65
C ALA A 75 -20.97 1.78 -0.51
N ARG A 76 -22.02 2.53 -0.85
CA ARG A 76 -22.89 3.11 0.18
C ARG A 76 -23.51 2.03 1.05
N ARG A 77 -24.06 1.01 0.40
CA ARG A 77 -24.72 -0.09 1.11
C ARG A 77 -23.75 -0.80 2.05
N GLN A 78 -22.56 -1.13 1.55
CA GLN A 78 -21.59 -1.82 2.38
C GLN A 78 -21.15 -0.98 3.58
N MET A 79 -20.99 0.31 3.37
CA MET A 79 -20.53 1.17 4.46
CA MET A 79 -20.56 1.22 4.43
C MET A 79 -21.62 1.42 5.50
N GLU A 80 -22.89 1.48 5.08
CA GLU A 80 -23.98 1.64 6.05
C GLU A 80 -24.19 0.37 6.87
N GLU A 81 -24.05 -0.79 6.22
CA GLU A 81 -24.33 -2.07 6.84
CA GLU A 81 -24.33 -2.09 6.83
C GLU A 81 -23.20 -2.57 7.71
N LEU A 82 -22.01 -2.76 7.12
CA LEU A 82 -20.88 -3.37 7.81
C LEU A 82 -19.56 -3.06 7.08
N PRO A 83 -18.96 -1.90 7.37
CA PRO A 83 -17.69 -1.56 6.71
C PRO A 83 -16.48 -2.21 7.40
N PHE A 84 -16.71 -2.90 8.51
CA PHE A 84 -15.64 -3.54 9.27
C PHE A 84 -15.93 -5.00 9.56
N TYR A 85 -14.88 -5.75 9.82
CA TYR A 85 -15.01 -7.08 10.38
C TYR A 85 -13.82 -7.32 11.27
N ASN A 86 -14.11 -7.51 12.55
CA ASN A 86 -13.10 -7.64 13.59
C ASN A 86 -12.52 -9.05 13.66
N THR A 87 -11.23 -9.14 13.97
CA THR A 87 -10.52 -10.42 14.06
C THR A 87 -10.93 -11.22 15.31
N PHE A 88 -11.65 -10.57 16.22
CA PHE A 88 -12.30 -11.23 17.34
C PHE A 88 -13.14 -12.40 16.83
N PHE A 89 -13.76 -12.19 15.68
CA PHE A 89 -14.53 -13.23 15.00
C PHE A 89 -13.56 -13.99 14.10
N LYS A 90 -13.67 -15.31 14.09
CA LYS A 90 -12.72 -16.14 13.36
CA LYS A 90 -12.74 -16.18 13.36
C LYS A 90 -13.14 -16.37 11.90
N THR A 91 -14.23 -15.72 11.50
CA THR A 91 -14.78 -15.84 10.14
CA THR A 91 -14.77 -15.85 10.14
C THR A 91 -14.34 -14.68 9.25
N THR A 92 -14.56 -14.82 7.95
CA THR A 92 -14.24 -13.78 6.96
C THR A 92 -15.51 -12.97 6.67
N HIS A 93 -15.34 -11.66 6.43
CA HIS A 93 -16.46 -10.78 6.11
C HIS A 93 -17.16 -11.28 4.88
N PRO A 94 -18.52 -11.33 4.91
CA PRO A 94 -19.32 -11.85 3.79
C PRO A 94 -19.06 -11.17 2.43
N ALA A 95 -18.74 -9.88 2.42
CA ALA A 95 -18.40 -9.16 1.17
C ALA A 95 -17.14 -9.73 0.54
N VAL A 96 -16.18 -10.07 1.39
CA VAL A 96 -14.90 -10.60 0.93
C VAL A 96 -15.07 -12.04 0.44
N VAL A 97 -15.84 -12.83 1.19
CA VAL A 97 -16.18 -14.20 0.80
C VAL A 97 -16.83 -14.24 -0.57
N GLU A 98 -17.82 -13.37 -0.77
CA GLU A 98 -18.52 -13.28 -2.04
C GLU A 98 -17.59 -12.83 -3.18
N LEU A 99 -16.73 -11.86 -2.91
CA LEU A 99 -15.74 -11.48 -3.93
C LEU A 99 -14.85 -12.66 -4.32
N SER A 100 -14.34 -13.39 -3.33
CA SER A 100 -13.43 -14.49 -3.61
C SER A 100 -14.12 -15.61 -4.42
N SER A 101 -15.40 -15.86 -4.12
CA SER A 101 -16.16 -16.86 -4.83
CA SER A 101 -16.20 -16.84 -4.83
C SER A 101 -16.37 -16.48 -6.29
N LEU A 102 -16.69 -15.21 -6.55
CA LEU A 102 -16.81 -14.74 -7.94
C LEU A 102 -15.48 -14.81 -8.69
N LEU A 103 -14.40 -14.37 -8.04
CA LEU A 103 -13.09 -14.40 -8.65
C LEU A 103 -12.71 -15.81 -9.06
N ALA A 104 -13.04 -16.78 -8.20
CA ALA A 104 -12.73 -18.19 -8.50
C ALA A 104 -13.49 -18.70 -9.72
N GLU A 105 -14.66 -18.14 -9.98
CA GLU A 105 -15.41 -18.47 -11.19
C GLU A 105 -14.73 -17.95 -12.45
N VAL A 106 -13.96 -16.86 -12.32
CA VAL A 106 -13.30 -16.25 -13.49
C VAL A 106 -11.78 -16.44 -13.57
N THR A 107 -11.11 -16.74 -12.46
CA THR A 107 -9.68 -17.01 -12.49
C THR A 107 -9.44 -18.45 -12.94
N PRO A 108 -8.27 -18.74 -13.54
CA PRO A 108 -7.88 -20.12 -13.87
C PRO A 108 -8.02 -21.08 -12.69
N ALA A 109 -8.24 -22.36 -12.97
CA ALA A 109 -8.31 -23.38 -11.94
C ALA A 109 -7.08 -23.34 -11.01
N GLY A 110 -7.31 -23.61 -9.73
CA GLY A 110 -6.24 -23.78 -8.75
C GLY A 110 -5.75 -22.55 -8.01
N PHE A 111 -6.51 -21.45 -8.07
CA PHE A 111 -6.15 -20.20 -7.40
C PHE A 111 -7.19 -19.83 -6.37
N ASP A 112 -7.53 -20.81 -5.53
CA ASP A 112 -8.53 -20.59 -4.48
C ASP A 112 -8.04 -19.66 -3.36
N ARG A 113 -6.73 -19.55 -3.18
CA ARG A 113 -6.18 -18.66 -2.16
CA ARG A 113 -6.21 -18.66 -2.16
C ARG A 113 -5.92 -17.26 -2.74
N VAL A 114 -6.57 -16.27 -2.17
CA VAL A 114 -6.39 -14.87 -2.60
C VAL A 114 -6.06 -14.05 -1.37
N PHE A 115 -4.99 -13.27 -1.45
CA PHE A 115 -4.57 -12.40 -0.37
C PHE A 115 -4.87 -10.97 -0.83
N TYR A 116 -5.78 -10.27 -0.17
CA TYR A 116 -6.17 -8.95 -0.64
C TYR A 116 -5.21 -7.92 -0.10
N THR A 117 -5.00 -6.85 -0.89
CA THR A 117 -4.13 -5.72 -0.53
C THR A 117 -4.84 -4.44 -0.88
N ASN A 118 -4.18 -3.30 -0.66
CA ASN A 118 -4.75 -2.02 -1.03
C ASN A 118 -4.34 -1.51 -2.40
N SER A 119 -3.35 -2.14 -3.03
CA SER A 119 -2.86 -1.66 -4.31
C SER A 119 -1.99 -2.69 -5.01
N GLY A 120 -1.73 -2.46 -6.30
CA GLY A 120 -0.82 -3.29 -7.07
C GLY A 120 0.59 -3.24 -6.46
N SER A 121 0.98 -2.07 -5.96
CA SER A 121 2.31 -1.96 -5.34
C SER A 121 2.42 -2.84 -4.11
N GLU A 122 1.39 -2.85 -3.26
CA GLU A 122 1.41 -3.70 -2.08
CA GLU A 122 1.42 -3.70 -2.09
C GLU A 122 1.34 -5.18 -2.47
N SER A 123 0.59 -5.49 -3.53
CA SER A 123 0.50 -6.85 -4.05
C SER A 123 1.88 -7.39 -4.38
N VAL A 124 2.66 -6.60 -5.11
CA VAL A 124 4.03 -6.99 -5.47
C VAL A 124 4.89 -7.18 -4.21
N ASP A 125 4.82 -6.24 -3.27
CA ASP A 125 5.63 -6.32 -2.05
C ASP A 125 5.28 -7.61 -1.28
N THR A 126 3.98 -7.88 -1.13
CA THR A 126 3.52 -9.12 -0.51
C THR A 126 3.98 -10.40 -1.23
N MET A 127 3.92 -10.39 -2.56
CA MET A 127 4.32 -11.52 -3.37
C MET A 127 5.81 -11.82 -3.13
N ILE A 128 6.63 -10.77 -3.03
CA ILE A 128 8.06 -10.96 -2.78
C ILE A 128 8.26 -11.70 -1.45
N ARG A 129 7.54 -11.25 -0.41
CA ARG A 129 7.63 -11.90 0.93
C ARG A 129 7.14 -13.35 0.86
N MET A 130 6.06 -13.61 0.10
CA MET A 130 5.51 -14.95 -0.05
C MET A 130 6.44 -15.90 -0.75
N VAL A 131 7.07 -15.46 -1.83
CA VAL A 131 7.96 -16.33 -2.58
C VAL A 131 9.17 -16.71 -1.71
N ARG A 132 9.69 -15.74 -0.96
CA ARG A 132 10.82 -15.99 -0.07
C ARG A 132 10.45 -16.92 1.09
N ARG A 133 9.27 -16.73 1.68
CA ARG A 133 8.81 -17.56 2.80
CA ARG A 133 8.86 -17.57 2.80
C ARG A 133 8.59 -19.00 2.31
N TYR A 134 8.02 -19.13 1.10
CA TYR A 134 7.76 -20.46 0.52
C TYR A 134 9.06 -21.31 0.51
N TRP A 135 10.15 -20.75 0.01
CA TRP A 135 11.43 -21.49 -0.04
C TRP A 135 11.99 -21.76 1.34
N ASP A 136 11.83 -20.82 2.28
CA ASP A 136 12.23 -21.06 3.67
CA ASP A 136 12.22 -21.03 3.67
C ASP A 136 11.53 -22.30 4.20
N VAL A 137 10.21 -22.36 4.00
CA VAL A 137 9.38 -23.47 4.46
C VAL A 137 9.83 -24.80 3.83
N GLN A 138 10.25 -24.73 2.57
CA GLN A 138 10.72 -25.92 1.86
C GLN A 138 12.09 -26.39 2.34
N GLY A 139 12.71 -25.63 3.24
CA GLY A 139 14.06 -25.93 3.71
C GLY A 139 15.15 -25.55 2.75
N LYS A 140 14.89 -24.54 1.93
CA LYS A 140 15.92 -24.05 1.00
C LYS A 140 16.07 -22.56 1.23
N PRO A 141 16.64 -22.16 2.39
CA PRO A 141 16.67 -20.76 2.80
C PRO A 141 17.54 -19.86 1.91
N GLU A 142 18.37 -20.48 1.05
CA GLU A 142 19.22 -19.71 0.17
C GLU A 142 18.48 -19.24 -1.07
N LYS A 143 17.32 -19.82 -1.34
CA LYS A 143 16.59 -19.56 -2.57
C LYS A 143 15.77 -18.27 -2.36
N LYS A 144 16.40 -17.12 -2.56
CA LYS A 144 15.77 -15.84 -2.20
CA LYS A 144 15.82 -15.83 -2.17
C LYS A 144 15.83 -14.77 -3.26
N THR A 145 16.57 -15.03 -4.33
CA THR A 145 16.73 -14.02 -5.38
C THR A 145 15.55 -14.04 -6.33
N LEU A 146 14.97 -12.86 -6.57
CA LEU A 146 13.94 -12.76 -7.61
C LEU A 146 14.56 -12.12 -8.83
N ILE A 147 14.18 -12.62 -10.01
CA ILE A 147 14.67 -12.07 -11.26
C ILE A 147 13.56 -11.33 -11.96
N GLY A 148 13.86 -10.07 -12.30
CA GLY A 148 12.97 -9.22 -13.13
C GLY A 148 13.64 -8.85 -14.44
N ARG A 149 13.13 -7.81 -15.05
CA ARG A 149 13.61 -7.34 -16.33
C ARG A 149 13.90 -5.85 -16.34
N TRP A 150 14.92 -5.45 -17.07
CA TRP A 150 15.07 -4.03 -17.40
C TRP A 150 13.86 -3.55 -18.15
N ASN A 151 13.45 -2.33 -17.80
CA ASN A 151 12.23 -1.70 -18.33
C ASN A 151 10.95 -2.43 -17.87
N GLY A 152 11.10 -3.28 -16.84
CA GLY A 152 9.96 -3.87 -16.14
C GLY A 152 9.46 -2.92 -15.05
N TYR A 153 8.15 -2.89 -14.82
CA TYR A 153 7.61 -2.07 -13.73
C TYR A 153 6.71 -2.89 -12.81
N HIS A 154 7.03 -2.84 -11.52
CA HIS A 154 6.35 -3.64 -10.49
C HIS A 154 5.99 -2.82 -9.28
N GLY A 155 5.59 -1.58 -9.52
CA GLY A 155 5.04 -0.73 -8.45
C GLY A 155 6.12 0.10 -7.78
N SER A 156 5.73 0.78 -6.70
CA SER A 156 6.56 1.83 -6.14
C SER A 156 7.15 1.57 -4.76
N THR A 157 6.91 0.39 -4.16
CA THR A 157 7.52 0.11 -2.84
C THR A 157 9.02 -0.12 -3.05
N ILE A 158 9.80 -0.02 -1.97
CA ILE A 158 11.22 -0.29 -2.05
C ILE A 158 11.47 -1.64 -2.74
N GLY A 159 10.76 -2.67 -2.29
CA GLY A 159 10.88 -4.00 -2.89
C GLY A 159 10.45 -4.06 -4.36
N GLY A 160 9.27 -3.51 -4.67
CA GLY A 160 8.75 -3.46 -6.05
C GLY A 160 9.64 -2.68 -7.01
N ALA A 161 10.17 -1.55 -6.55
CA ALA A 161 11.07 -0.72 -7.35
C ALA A 161 12.38 -1.46 -7.63
N SER A 162 12.78 -2.32 -6.71
CA SER A 162 14.02 -3.11 -6.81
C SER A 162 13.83 -4.22 -7.81
N LEU A 163 12.62 -4.80 -7.83
CA LEU A 163 12.28 -5.89 -8.78
C LEU A 163 12.08 -5.30 -10.17
N GLY A 164 11.44 -4.14 -10.20
CA GLY A 164 11.33 -3.36 -11.43
C GLY A 164 12.72 -3.04 -11.99
N GLY A 165 12.74 -2.68 -13.27
CA GLY A 165 13.99 -2.39 -13.95
C GLY A 165 13.94 -1.06 -14.66
N MET A 166 13.19 -0.10 -14.09
CA MET A 166 13.05 1.21 -14.72
CA MET A 166 13.04 1.24 -14.68
C MET A 166 14.29 2.07 -14.47
N LYS A 167 14.89 2.51 -15.58
CA LYS A 167 16.18 3.21 -15.53
CA LYS A 167 16.17 3.24 -15.56
C LYS A 167 16.20 4.37 -14.54
N TYR A 168 15.14 5.19 -14.54
CA TYR A 168 15.06 6.35 -13.64
C TYR A 168 14.88 5.99 -12.15
N MET A 169 14.17 4.89 -11.85
CA MET A 169 13.90 4.46 -10.47
C MET A 169 15.15 3.97 -9.73
N HIS A 170 15.98 3.19 -10.42
CA HIS A 170 17.25 2.70 -9.88
C HIS A 170 18.28 3.82 -9.85
N GLU A 171 18.18 4.69 -10.86
CA GLU A 171 19.07 5.86 -11.04
C GLU A 171 19.07 6.84 -9.87
N GLN A 172 17.92 7.02 -9.22
CA GLN A 172 17.76 8.04 -8.19
C GLN A 172 17.68 7.46 -6.77
N GLY A 173 18.07 6.20 -6.61
CA GLY A 173 17.94 5.52 -5.33
C GLY A 173 19.04 4.56 -4.92
N ASP A 174 18.77 3.89 -3.81
CA ASP A 174 19.64 2.90 -3.17
CA ASP A 174 19.67 2.90 -3.22
C ASP A 174 19.33 1.50 -3.68
N LEU A 175 18.56 1.42 -4.76
CA LEU A 175 18.04 0.16 -5.30
C LEU A 175 19.01 -0.49 -6.30
N PRO A 176 18.90 -1.84 -6.48
CA PRO A 176 17.95 -2.71 -5.79
C PRO A 176 18.43 -3.23 -4.44
N ILE A 177 17.46 -3.60 -3.61
CA ILE A 177 17.72 -4.34 -2.38
C ILE A 177 18.34 -5.68 -2.74
N PRO A 178 18.93 -6.35 -1.74
CA PRO A 178 19.61 -7.59 -2.06
C PRO A 178 18.65 -8.65 -2.55
N GLY A 179 19.17 -9.59 -3.34
CA GLY A 179 18.35 -10.72 -3.78
C GLY A 179 17.43 -10.31 -4.91
N MET A 180 17.88 -9.36 -5.72
CA MET A 180 17.16 -8.94 -6.93
C MET A 180 18.12 -8.96 -8.09
N ALA A 181 17.68 -9.48 -9.24
CA ALA A 181 18.52 -9.53 -10.43
C ALA A 181 17.65 -9.21 -11.62
N HIS A 182 18.29 -8.81 -12.73
CA HIS A 182 17.56 -8.40 -13.94
C HIS A 182 18.13 -8.92 -15.22
N ILE A 183 17.22 -9.29 -16.13
CA ILE A 183 17.62 -9.65 -17.49
C ILE A 183 17.06 -8.63 -18.48
N GLU A 184 17.62 -8.62 -19.69
CA GLU A 184 17.16 -7.69 -20.72
C GLU A 184 15.73 -8.01 -21.16
N GLN A 185 15.01 -6.99 -21.61
CA GLN A 185 13.61 -7.11 -22.02
C GLN A 185 13.47 -7.64 -23.44
N PRO A 186 12.36 -8.35 -23.71
CA PRO A 186 12.15 -8.93 -25.03
C PRO A 186 11.63 -7.89 -26.05
N TRP A 187 12.45 -6.86 -26.31
CA TRP A 187 12.10 -5.78 -27.23
C TRP A 187 12.77 -6.01 -28.55
N TRP A 188 12.02 -6.57 -29.47
CA TRP A 188 12.56 -7.02 -30.76
C TRP A 188 13.04 -5.87 -31.62
N TYR A 189 12.30 -4.77 -31.61
CA TYR A 189 12.68 -3.65 -32.49
C TYR A 189 14.13 -3.19 -32.24
N LYS A 190 14.51 -3.16 -30.96
CA LYS A 190 15.84 -2.73 -30.53
CA LYS A 190 15.85 -2.73 -30.60
C LYS A 190 16.85 -3.86 -30.50
N HIS A 191 16.47 -5.00 -29.93
CA HIS A 191 17.43 -6.08 -29.68
C HIS A 191 17.46 -7.24 -30.65
N GLY A 192 16.52 -7.27 -31.58
CA GLY A 192 16.33 -8.42 -32.47
C GLY A 192 17.43 -8.69 -33.47
N LYS A 193 18.26 -7.68 -33.76
CA LYS A 193 19.34 -7.83 -34.74
C LYS A 193 18.82 -8.45 -36.04
N ASP A 194 19.42 -9.55 -36.49
CA ASP A 194 18.93 -10.19 -37.72
C ASP A 194 17.99 -11.37 -37.48
N MET A 195 17.55 -11.54 -36.24
CA MET A 195 16.60 -12.58 -35.90
C MET A 195 15.17 -12.21 -36.27
N THR A 196 14.38 -13.23 -36.63
CA THR A 196 12.93 -13.06 -36.68
C THR A 196 12.40 -12.87 -35.22
N PRO A 197 11.22 -12.28 -35.08
CA PRO A 197 10.58 -12.19 -33.74
C PRO A 197 10.52 -13.55 -33.03
N ASP A 198 10.06 -14.60 -33.70
CA ASP A 198 10.07 -15.94 -33.06
C ASP A 198 11.45 -16.46 -32.65
N GLU A 199 12.48 -16.23 -33.48
CA GLU A 199 13.83 -16.64 -33.10
C GLU A 199 14.30 -15.82 -31.90
N PHE A 200 14.00 -14.53 -31.96
CA PHE A 200 14.37 -13.61 -30.89
C PHE A 200 13.69 -13.97 -29.55
N GLY A 201 12.43 -14.36 -29.61
CA GLY A 201 11.69 -14.78 -28.41
C GLY A 201 12.47 -15.86 -27.65
N VAL A 202 13.01 -16.83 -28.38
CA VAL A 202 13.73 -17.94 -27.74
C VAL A 202 15.02 -17.43 -27.09
N VAL A 203 15.77 -16.60 -27.82
CA VAL A 203 16.98 -15.98 -27.32
C VAL A 203 16.72 -15.08 -26.10
N ALA A 204 15.65 -14.27 -26.16
CA ALA A 204 15.31 -13.37 -25.03
C ALA A 204 14.91 -14.13 -23.77
N ALA A 205 14.17 -15.22 -23.96
CA ALA A 205 13.82 -16.10 -22.84
C ALA A 205 15.04 -16.79 -22.28
N ARG A 206 15.96 -17.21 -23.15
CA ARG A 206 17.17 -17.87 -22.69
C ARG A 206 18.11 -16.99 -21.87
N TRP A 207 17.92 -15.67 -21.95
CA TRP A 207 18.63 -14.80 -21.01
C TRP A 207 18.31 -15.15 -19.59
N LEU A 208 17.08 -15.62 -19.34
CA LEU A 208 16.71 -16.08 -17.99
C LEU A 208 17.52 -17.31 -17.57
N GLU A 209 17.65 -18.29 -18.47
CA GLU A 209 18.47 -19.47 -18.17
C GLU A 209 19.91 -19.05 -17.87
N GLU A 210 20.46 -18.16 -18.69
CA GLU A 210 21.83 -17.66 -18.50
CA GLU A 210 21.82 -17.62 -18.52
C GLU A 210 22.00 -17.02 -17.12
N LYS A 211 21.03 -16.18 -16.72
CA LYS A 211 21.07 -15.53 -15.44
C LYS A 211 20.93 -16.52 -14.29
N ILE A 212 20.06 -17.52 -14.45
CA ILE A 212 19.85 -18.52 -13.39
C ILE A 212 21.16 -19.27 -13.15
N LEU A 213 21.79 -19.64 -14.26
CA LEU A 213 23.07 -20.38 -14.16
C LEU A 213 24.20 -19.51 -13.59
N GLU A 214 24.20 -18.22 -13.93
CA GLU A 214 25.18 -17.29 -13.37
C GLU A 214 25.06 -17.14 -11.85
N ILE A 215 23.83 -16.95 -11.38
CA ILE A 215 23.54 -16.80 -9.96
C ILE A 215 23.67 -18.13 -9.21
N GLY A 216 23.21 -19.20 -9.83
CA GLY A 216 23.05 -20.49 -9.17
C GLY A 216 21.58 -20.75 -8.90
N ALA A 217 21.03 -21.83 -9.45
CA ALA A 217 19.57 -22.11 -9.33
C ALA A 217 19.10 -22.20 -7.89
N ASP A 218 19.96 -22.73 -7.04
CA ASP A 218 19.62 -22.88 -5.62
CA ASP A 218 19.63 -22.88 -5.61
C ASP A 218 19.56 -21.55 -4.86
N LYS A 219 19.92 -20.45 -5.54
CA LYS A 219 19.79 -19.12 -4.94
CA LYS A 219 19.81 -19.11 -4.96
C LYS A 219 18.59 -18.36 -5.50
N VAL A 220 17.92 -18.94 -6.48
CA VAL A 220 16.86 -18.23 -7.22
C VAL A 220 15.48 -18.69 -6.82
N ALA A 221 14.70 -17.74 -6.32
CA ALA A 221 13.36 -18.01 -5.84
C ALA A 221 12.28 -17.93 -6.92
N ALA A 222 12.38 -16.93 -7.81
CA ALA A 222 11.29 -16.69 -8.77
C ALA A 222 11.75 -15.83 -9.92
N PHE A 223 11.03 -15.96 -11.04
CA PHE A 223 11.09 -14.97 -12.10
C PHE A 223 9.73 -14.27 -12.11
N VAL A 224 9.76 -12.94 -12.30
CA VAL A 224 8.51 -12.15 -12.25
C VAL A 224 8.44 -11.27 -13.50
N GLY A 225 7.30 -11.29 -14.19
CA GLY A 225 7.18 -10.38 -15.35
C GLY A 225 5.73 -10.06 -15.68
N GLU A 226 5.54 -8.86 -16.21
CA GLU A 226 4.24 -8.47 -16.79
C GLU A 226 4.09 -9.24 -18.11
N PRO A 227 2.93 -9.86 -18.36
CA PRO A 227 2.76 -10.55 -19.65
C PRO A 227 3.15 -9.67 -20.86
N ILE A 228 2.61 -8.44 -20.87
CA ILE A 228 3.04 -7.35 -21.76
C ILE A 228 3.51 -6.26 -20.83
N GLN A 229 4.73 -5.75 -21.04
CA GLN A 229 5.25 -4.67 -20.20
C GLN A 229 4.49 -3.38 -20.48
N GLY A 230 3.82 -2.87 -19.46
CA GLY A 230 2.94 -1.71 -19.61
C GLY A 230 3.70 -0.41 -19.62
N ALA A 231 4.18 0.02 -18.45
CA ALA A 231 4.87 1.30 -18.30
C ALA A 231 6.13 1.36 -19.15
N GLY A 232 6.68 0.19 -19.47
CA GLY A 232 7.83 0.12 -20.37
C GLY A 232 7.52 0.48 -21.82
N GLY A 233 6.23 0.53 -22.17
CA GLY A 233 5.85 0.90 -23.52
C GLY A 233 5.02 -0.12 -24.30
N VAL A 234 4.28 -0.99 -23.60
CA VAL A 234 3.50 -2.04 -24.29
C VAL A 234 4.44 -2.87 -25.18
N ILE A 235 5.45 -3.44 -24.51
CA ILE A 235 6.37 -4.34 -25.17
C ILE A 235 5.70 -5.71 -25.20
N VAL A 236 5.36 -6.13 -26.40
CA VAL A 236 4.60 -7.36 -26.61
C VAL A 236 5.60 -8.42 -27.02
N PRO A 237 5.77 -9.46 -26.18
CA PRO A 237 6.82 -10.42 -26.50
C PRO A 237 6.41 -11.31 -27.66
N PRO A 238 7.41 -11.88 -28.35
CA PRO A 238 7.07 -12.85 -29.40
C PRO A 238 6.37 -14.07 -28.82
N ALA A 239 5.66 -14.79 -29.67
CA ALA A 239 4.87 -15.96 -29.25
C ALA A 239 5.72 -17.04 -28.61
N THR A 240 6.99 -17.09 -28.98
CA THR A 240 7.93 -18.08 -28.48
C THR A 240 8.47 -17.79 -27.06
N TYR A 241 8.26 -16.57 -26.58
CA TYR A 241 8.92 -16.11 -25.36
C TYR A 241 8.41 -16.75 -24.06
N TRP A 242 7.14 -16.54 -23.74
CA TRP A 242 6.58 -17.09 -22.48
C TRP A 242 6.66 -18.61 -22.35
N PRO A 243 6.40 -19.36 -23.43
CA PRO A 243 6.61 -20.81 -23.33
C PRO A 243 8.04 -21.21 -22.94
N GLU A 244 9.05 -20.52 -23.48
CA GLU A 244 10.45 -20.79 -23.13
C GLU A 244 10.78 -20.32 -21.70
N ILE A 245 10.29 -19.14 -21.30
CA ILE A 245 10.43 -18.68 -19.90
C ILE A 245 9.86 -19.76 -18.97
N GLU A 246 8.69 -20.28 -19.29
CA GLU A 246 8.03 -21.26 -18.43
C GLU A 246 8.80 -22.57 -18.37
N ARG A 247 9.24 -23.07 -19.53
CA ARG A 247 10.13 -24.23 -19.57
C ARG A 247 11.36 -24.06 -18.69
N ILE A 248 12.00 -22.89 -18.75
CA ILE A 248 13.22 -22.61 -18.01
C ILE A 248 12.95 -22.57 -16.50
N CYS A 249 11.90 -21.86 -16.09
CA CYS A 249 11.52 -21.87 -14.67
C CYS A 249 11.28 -23.28 -14.14
N ARG A 250 10.57 -24.10 -14.90
CA ARG A 250 10.26 -25.46 -14.43
C ARG A 250 11.51 -26.31 -14.38
N LYS A 251 12.39 -26.15 -15.37
CA LYS A 251 13.65 -26.89 -15.43
CA LYS A 251 13.65 -26.89 -15.44
C LYS A 251 14.50 -26.67 -14.18
N TYR A 252 14.57 -25.41 -13.72
CA TYR A 252 15.45 -25.05 -12.60
C TYR A 252 14.75 -24.92 -11.25
N ASP A 253 13.47 -25.30 -11.23
CA ASP A 253 12.64 -25.29 -10.02
C ASP A 253 12.62 -23.89 -9.41
N VAL A 254 12.26 -22.94 -10.26
CA VAL A 254 12.12 -21.53 -9.92
C VAL A 254 10.62 -21.18 -10.06
N LEU A 255 10.06 -20.41 -9.13
CA LEU A 255 8.64 -20.04 -9.24
C LEU A 255 8.46 -19.04 -10.38
N LEU A 256 7.26 -19.05 -10.96
CA LEU A 256 6.94 -18.17 -12.09
C LEU A 256 5.78 -17.27 -11.65
N VAL A 257 6.00 -15.97 -11.72
CA VAL A 257 4.99 -15.00 -11.24
C VAL A 257 4.60 -14.06 -12.39
N ALA A 258 3.30 -13.90 -12.62
CA ALA A 258 2.83 -12.92 -13.59
C ALA A 258 2.39 -11.68 -12.84
N ASP A 259 2.78 -10.51 -13.33
CA ASP A 259 2.29 -9.27 -12.75
C ASP A 259 1.20 -8.75 -13.68
N GLU A 260 -0.03 -8.84 -13.20
CA GLU A 260 -1.20 -8.50 -14.01
C GLU A 260 -1.69 -7.09 -13.75
N VAL A 261 -0.79 -6.24 -13.27
CA VAL A 261 -1.06 -4.81 -12.99
C VAL A 261 -1.89 -4.12 -14.08
N ILE A 262 -1.54 -4.38 -15.35
CA ILE A 262 -2.20 -3.77 -16.50
C ILE A 262 -2.99 -4.75 -17.35
N CYS A 263 -2.49 -5.99 -17.47
CA CYS A 263 -3.19 -6.98 -18.27
C CYS A 263 -4.40 -7.62 -17.59
N GLY A 264 -4.56 -7.42 -16.28
CA GLY A 264 -5.63 -8.07 -15.52
C GLY A 264 -7.00 -7.52 -15.89
N PHE A 265 -8.02 -8.35 -15.70
CA PHE A 265 -9.42 -7.96 -15.85
C PHE A 265 -9.81 -7.54 -17.25
N GLY A 266 -9.42 -8.38 -18.20
CA GLY A 266 -9.98 -8.35 -19.56
C GLY A 266 -9.18 -7.62 -20.60
N ARG A 267 -8.07 -6.99 -20.20
CA ARG A 267 -7.34 -6.11 -21.11
C ARG A 267 -6.91 -6.74 -22.45
N THR A 268 -6.45 -7.99 -22.42
CA THR A 268 -6.01 -8.70 -23.63
C THR A 268 -7.13 -9.48 -24.29
N GLY A 269 -8.31 -9.52 -23.66
CA GLY A 269 -9.44 -10.34 -24.17
C GLY A 269 -9.63 -11.60 -23.32
N GLU A 270 -8.56 -12.02 -22.67
CA GLU A 270 -8.68 -13.02 -21.61
C GLU A 270 -8.84 -12.29 -20.30
N TRP A 271 -9.29 -13.00 -19.27
CA TRP A 271 -9.33 -12.39 -17.94
C TRP A 271 -7.98 -11.87 -17.49
N PHE A 272 -6.93 -12.63 -17.75
CA PHE A 272 -5.55 -12.26 -17.35
C PHE A 272 -4.59 -12.46 -18.52
N GLY A 273 -3.60 -11.59 -18.59
CA GLY A 273 -2.63 -11.64 -19.65
C GLY A 273 -1.91 -12.98 -19.76
N HIS A 274 -1.61 -13.60 -18.63
CA HIS A 274 -0.91 -14.89 -18.68
C HIS A 274 -1.70 -15.95 -19.41
N GLN A 275 -3.02 -15.84 -19.38
CA GLN A 275 -3.90 -16.74 -20.14
C GLN A 275 -3.75 -16.52 -21.64
N HIS A 276 -3.67 -15.26 -22.05
CA HIS A 276 -3.47 -14.99 -23.47
C HIS A 276 -2.18 -15.57 -23.99
N PHE A 277 -1.10 -15.36 -23.23
CA PHE A 277 0.22 -15.86 -23.64
C PHE A 277 0.44 -17.33 -23.32
N GLY A 278 -0.52 -17.92 -22.64
CA GLY A 278 -0.55 -19.38 -22.41
C GLY A 278 0.53 -19.92 -21.49
N PHE A 279 0.84 -19.18 -20.43
CA PHE A 279 1.68 -19.75 -19.37
C PHE A 279 0.89 -19.84 -18.07
N GLN A 280 1.37 -20.68 -17.17
CA GLN A 280 0.65 -20.98 -15.94
C GLN A 280 1.49 -20.64 -14.74
N PRO A 281 1.37 -19.40 -14.27
CA PRO A 281 2.23 -18.94 -13.16
C PRO A 281 1.81 -19.57 -11.83
N ASP A 282 2.75 -19.62 -10.90
CA ASP A 282 2.47 -20.11 -9.53
C ASP A 282 1.75 -19.09 -8.64
N LEU A 283 1.95 -17.81 -8.91
CA LEU A 283 1.21 -16.71 -8.25
C LEU A 283 1.04 -15.62 -9.28
N PHE A 284 0.02 -14.79 -9.13
CA PHE A 284 -0.05 -13.55 -9.94
C PHE A 284 -0.59 -12.40 -9.11
N THR A 285 -0.11 -11.22 -9.43
CA THR A 285 -0.48 -10.03 -8.67
C THR A 285 -1.44 -9.16 -9.49
N ALA A 286 -2.37 -8.54 -8.80
CA ALA A 286 -3.40 -7.68 -9.38
C ALA A 286 -3.43 -6.32 -8.68
N ALA A 287 -3.81 -5.29 -9.43
CA ALA A 287 -3.90 -3.91 -8.93
C ALA A 287 -5.36 -3.47 -8.95
N LYS A 288 -5.61 -2.15 -8.96
CA LYS A 288 -6.99 -1.64 -8.79
CA LYS A 288 -6.97 -1.61 -8.80
C LYS A 288 -7.92 -1.82 -9.99
N GLY A 289 -7.40 -2.36 -11.10
CA GLY A 289 -8.28 -2.85 -12.19
C GLY A 289 -9.36 -3.81 -11.65
N LEU A 290 -9.06 -4.44 -10.51
CA LEU A 290 -10.00 -5.27 -9.77
C LEU A 290 -11.33 -4.55 -9.45
N SER A 291 -11.26 -3.25 -9.18
CA SER A 291 -12.44 -2.40 -8.97
C SER A 291 -12.66 -1.34 -10.07
N SER A 292 -12.01 -1.52 -11.23
CA SER A 292 -11.88 -0.48 -12.26
C SER A 292 -11.41 0.85 -11.68
N GLY A 293 -10.62 0.77 -10.61
CA GLY A 293 -10.08 1.97 -9.99
C GLY A 293 -11.06 2.76 -9.13
N TYR A 294 -12.29 2.28 -9.00
CA TYR A 294 -13.32 3.04 -8.26
C TYR A 294 -13.04 3.13 -6.75
N LEU A 295 -12.40 2.11 -6.19
CA LEU A 295 -11.79 2.18 -4.84
C LEU A 295 -10.42 1.50 -4.88
N PRO A 296 -9.48 1.93 -4.01
CA PRO A 296 -8.16 1.23 -4.06
C PRO A 296 -8.24 -0.22 -3.57
N ILE A 297 -7.65 -1.15 -4.33
CA ILE A 297 -7.60 -2.55 -3.91
C ILE A 297 -6.56 -3.24 -4.78
N GLY A 298 -6.11 -4.40 -4.33
CA GLY A 298 -5.26 -5.26 -5.16
C GLY A 298 -5.37 -6.66 -4.57
N ALA A 299 -4.64 -7.59 -5.16
CA ALA A 299 -4.63 -8.96 -4.64
C ALA A 299 -3.42 -9.74 -5.11
N VAL A 300 -3.06 -10.75 -4.32
CA VAL A 300 -2.14 -11.80 -4.79
C VAL A 300 -2.96 -13.07 -4.93
N PHE A 301 -2.99 -13.61 -6.14
CA PHE A 301 -3.63 -14.88 -6.40
C PHE A 301 -2.57 -15.94 -6.29
N VAL A 302 -2.81 -16.88 -5.39
CA VAL A 302 -1.80 -17.87 -5.02
C VAL A 302 -2.24 -19.27 -5.47
N GLY A 303 -1.40 -19.91 -6.29
CA GLY A 303 -1.70 -21.25 -6.81
C GLY A 303 -1.57 -22.34 -5.76
N LYS A 304 -2.00 -23.56 -6.11
CA LYS A 304 -2.04 -24.69 -5.14
C LYS A 304 -0.68 -24.97 -4.46
N ARG A 305 0.36 -25.09 -5.28
CA ARG A 305 1.71 -25.38 -4.78
C ARG A 305 2.17 -24.40 -3.69
N VAL A 306 2.11 -23.11 -4.00
CA VAL A 306 2.64 -22.12 -3.08
C VAL A 306 1.70 -21.95 -1.87
N ALA A 307 0.39 -21.96 -2.11
CA ALA A 307 -0.59 -21.81 -1.03
C ALA A 307 -0.39 -22.92 0.01
N GLU A 308 -0.27 -24.16 -0.45
CA GLU A 308 -0.03 -25.28 0.45
C GLU A 308 1.29 -25.15 1.24
N GLY A 309 2.34 -24.66 0.58
CA GLY A 309 3.63 -24.42 1.24
C GLY A 309 3.57 -23.32 2.29
N LEU A 310 2.80 -22.27 2.02
CA LEU A 310 2.63 -21.14 2.95
C LEU A 310 1.71 -21.47 4.13
N ILE A 311 0.67 -22.27 3.88
CA ILE A 311 -0.26 -22.74 4.92
C ILE A 311 0.43 -23.63 5.96
N ALA A 312 1.39 -24.44 5.48
CA ALA A 312 2.29 -25.18 6.34
C ALA A 312 3.18 -24.24 7.18
N GLY A 313 3.65 -23.16 6.56
CA GLY A 313 4.48 -22.15 7.22
C GLY A 313 3.74 -21.33 8.27
N GLY A 314 2.57 -20.82 7.90
CA GLY A 314 1.63 -20.23 8.85
C GLY A 314 1.54 -18.71 8.97
N ASP A 315 2.56 -18.01 8.49
CA ASP A 315 2.67 -16.56 8.75
C ASP A 315 1.90 -15.63 7.78
N PHE A 316 1.20 -16.19 6.80
CA PHE A 316 0.26 -15.41 5.98
C PHE A 316 -1.20 -15.76 6.26
N ASN A 317 -1.44 -16.58 7.29
CA ASN A 317 -2.79 -17.03 7.64
C ASN A 317 -3.74 -15.89 8.00
N HIS A 318 -3.24 -14.91 8.76
CA HIS A 318 -4.01 -13.73 9.12
C HIS A 318 -4.48 -13.03 7.86
N GLY A 319 -3.56 -12.85 6.91
CA GLY A 319 -3.88 -12.22 5.64
C GLY A 319 -4.87 -12.98 4.78
N PHE A 320 -4.66 -14.27 4.62
CA PHE A 320 -5.59 -15.11 3.86
C PHE A 320 -7.01 -15.09 4.43
N THR A 321 -7.13 -14.84 5.74
CA THR A 321 -8.42 -14.78 6.43
C THR A 321 -8.99 -13.36 6.51
N TYR A 322 -8.18 -12.43 6.99
CA TYR A 322 -8.64 -11.09 7.34
C TYR A 322 -8.24 -9.99 6.35
N SER A 323 -7.58 -10.36 5.25
CA SER A 323 -7.26 -9.39 4.20
C SER A 323 -8.52 -8.93 3.48
N GLY A 324 -8.51 -7.68 3.07
CA GLY A 324 -9.54 -7.12 2.20
C GLY A 324 -10.48 -6.17 2.92
N HIS A 325 -10.45 -4.91 2.52
CA HIS A 325 -11.36 -3.94 3.11
C HIS A 325 -12.72 -4.22 2.54
N PRO A 326 -13.74 -4.43 3.41
CA PRO A 326 -15.05 -4.88 2.94
C PRO A 326 -15.74 -3.96 1.93
N VAL A 327 -15.59 -2.65 2.09
CA VAL A 327 -16.23 -1.70 1.20
C VAL A 327 -15.57 -1.77 -0.17
N CYS A 328 -14.23 -1.82 -0.17
CA CYS A 328 -13.51 -1.99 -1.43
C CYS A 328 -13.85 -3.32 -2.11
N ALA A 329 -14.00 -4.38 -1.30
CA ALA A 329 -14.39 -5.69 -1.80
C ALA A 329 -15.77 -5.65 -2.44
N ALA A 330 -16.69 -4.89 -1.85
CA ALA A 330 -18.05 -4.79 -2.40
C ALA A 330 -18.07 -4.11 -3.78
N VAL A 331 -17.26 -3.06 -3.93
CA VAL A 331 -17.12 -2.39 -5.23
C VAL A 331 -16.43 -3.33 -6.24
N ALA A 332 -15.36 -4.00 -5.82
CA ALA A 332 -14.67 -4.93 -6.73
C ALA A 332 -15.61 -6.04 -7.19
N HIS A 333 -16.45 -6.54 -6.28
CA HIS A 333 -17.43 -7.57 -6.65
C HIS A 333 -18.39 -7.05 -7.70
N ALA A 334 -18.91 -5.83 -7.51
CA ALA A 334 -19.80 -5.22 -8.51
C ALA A 334 -19.10 -5.06 -9.86
N ASN A 335 -17.81 -4.74 -9.83
CA ASN A 335 -17.05 -4.54 -11.04
C ASN A 335 -16.80 -5.85 -11.75
N VAL A 336 -16.37 -6.87 -11.01
CA VAL A 336 -16.09 -8.16 -11.63
C VAL A 336 -17.37 -8.78 -12.18
N ALA A 337 -18.47 -8.63 -11.44
CA ALA A 337 -19.76 -9.12 -11.92
C ALA A 337 -20.18 -8.43 -13.23
N ALA A 338 -19.97 -7.12 -13.34
CA ALA A 338 -20.27 -6.38 -14.55
C ALA A 338 -19.39 -6.85 -15.71
N LEU A 339 -18.10 -7.03 -15.43
CA LEU A 339 -17.20 -7.52 -16.46
C LEU A 339 -17.67 -8.86 -17.04
N ARG A 340 -18.17 -9.74 -16.19
CA ARG A 340 -18.62 -11.05 -16.64
CA ARG A 340 -18.62 -11.06 -16.60
C ARG A 340 -20.04 -10.98 -17.20
N ASP A 341 -20.98 -10.50 -16.39
CA ASP A 341 -22.41 -10.50 -16.74
C ASP A 341 -22.81 -9.62 -17.92
N GLU A 342 -22.15 -8.47 -18.06
CA GLU A 342 -22.42 -7.58 -19.18
C GLU A 342 -21.63 -7.99 -20.43
N GLY A 343 -20.91 -9.10 -20.33
CA GLY A 343 -20.17 -9.71 -21.45
C GLY A 343 -18.99 -8.90 -21.94
N ILE A 344 -18.49 -8.03 -21.08
CA ILE A 344 -17.44 -7.08 -21.46
C ILE A 344 -16.13 -7.75 -21.84
N VAL A 345 -15.68 -8.69 -21.02
CA VAL A 345 -14.46 -9.44 -21.33
C VAL A 345 -14.58 -10.27 -22.62
N GLN A 346 -15.68 -11.00 -22.75
CA GLN A 346 -15.92 -11.80 -23.96
C GLN A 346 -15.91 -10.91 -25.20
N ARG A 347 -16.49 -9.72 -25.06
CA ARG A 347 -16.57 -8.76 -26.14
C ARG A 347 -15.19 -8.27 -26.58
N VAL A 348 -14.26 -8.09 -25.65
CA VAL A 348 -12.89 -7.76 -26.05
C VAL A 348 -12.29 -8.91 -26.89
N LYS A 349 -12.46 -10.14 -26.43
CA LYS A 349 -11.87 -11.28 -27.12
CA LYS A 349 -11.86 -11.28 -27.12
C LYS A 349 -12.40 -11.45 -28.55
N ASP A 350 -13.71 -11.38 -28.71
CA ASP A 350 -14.42 -11.80 -29.93
CA ASP A 350 -14.22 -11.77 -30.02
C ASP A 350 -14.82 -10.67 -30.88
N ASP A 351 -14.87 -9.44 -30.36
CA ASP A 351 -15.57 -8.36 -31.04
C ASP A 351 -14.74 -7.05 -31.14
N ILE A 352 -14.73 -6.27 -30.06
CA ILE A 352 -14.08 -4.95 -30.09
C ILE A 352 -12.56 -5.08 -30.18
N GLY A 353 -12.03 -6.15 -29.58
CA GLY A 353 -10.59 -6.40 -29.66
C GLY A 353 -10.08 -6.52 -31.09
N PRO A 354 -10.59 -7.52 -31.84
CA PRO A 354 -10.12 -7.66 -33.21
C PRO A 354 -10.35 -6.39 -34.03
N TYR A 355 -11.47 -5.70 -33.78
CA TYR A 355 -11.79 -4.46 -34.50
C TYR A 355 -10.75 -3.39 -34.20
N MET A 356 -10.48 -3.18 -32.92
CA MET A 356 -9.44 -2.22 -32.48
C MET A 356 -8.08 -2.52 -33.08
N GLN A 357 -7.71 -3.80 -33.06
CA GLN A 357 -6.38 -4.20 -33.55
C GLN A 357 -6.23 -3.98 -35.06
N LYS A 358 -7.29 -4.29 -35.82
CA LYS A 358 -7.26 -4.07 -37.25
C LYS A 358 -7.19 -2.58 -37.56
N ARG A 359 -8.07 -1.80 -36.93
CA ARG A 359 -8.17 -0.36 -37.17
C ARG A 359 -6.90 0.38 -36.73
N TRP A 360 -6.33 -0.06 -35.61
CA TRP A 360 -5.06 0.48 -35.10
C TRP A 360 -3.95 0.36 -36.11
N ARG A 361 -3.83 -0.84 -36.68
CA ARG A 361 -2.79 -1.11 -37.68
C ARG A 361 -3.06 -0.39 -39.01
N GLU A 362 -4.34 -0.32 -39.40
CA GLU A 362 -4.74 0.41 -40.60
C GLU A 362 -4.40 1.90 -40.50
N THR A 363 -4.63 2.47 -39.32
CA THR A 363 -4.45 3.91 -39.08
C THR A 363 -2.99 4.33 -39.05
N PHE A 364 -2.12 3.54 -38.41
CA PHE A 364 -0.77 4.02 -38.13
C PHE A 364 0.35 3.45 -39.01
N SER A 365 0.09 2.36 -39.72
CA SER A 365 1.17 1.65 -40.43
C SER A 365 1.74 2.46 -41.59
N ARG A 366 0.97 3.44 -42.07
CA ARG A 366 1.40 4.24 -43.22
CA ARG A 366 1.35 4.29 -43.21
C ARG A 366 2.38 5.37 -42.88
N PHE A 367 2.49 5.76 -41.62
CA PHE A 367 3.31 6.93 -41.25
C PHE A 367 4.80 6.64 -41.40
N GLU A 368 5.52 7.58 -42.01
CA GLU A 368 6.95 7.46 -42.20
C GLU A 368 7.71 7.34 -40.87
N HIS A 369 7.18 7.94 -39.81
CA HIS A 369 7.91 7.95 -38.54
C HIS A 369 7.25 7.13 -37.46
N VAL A 370 6.39 6.20 -37.87
CA VAL A 370 5.78 5.26 -36.93
C VAL A 370 6.18 3.84 -37.33
N ASP A 371 6.57 3.03 -36.35
CA ASP A 371 6.87 1.62 -36.65
C ASP A 371 6.50 0.72 -35.47
N ASP A 372 6.64 -0.58 -35.65
CA ASP A 372 6.29 -1.57 -34.62
C ASP A 372 4.87 -1.36 -34.10
N VAL A 373 3.93 -1.24 -35.03
CA VAL A 373 2.52 -1.12 -34.66
C VAL A 373 2.09 -2.48 -34.13
N ARG A 374 1.51 -2.47 -32.94
CA ARG A 374 1.36 -3.68 -32.11
C ARG A 374 0.19 -3.58 -31.15
N GLY A 375 -0.21 -4.72 -30.61
CA GLY A 375 -1.30 -4.73 -29.63
C GLY A 375 -2.11 -6.01 -29.69
N VAL A 376 -2.88 -6.24 -28.63
CA VAL A 376 -3.87 -7.31 -28.64
CA VAL A 376 -3.79 -7.39 -28.51
C VAL A 376 -4.99 -6.94 -27.68
N GLY A 377 -6.19 -7.41 -28.01
CA GLY A 377 -7.35 -7.07 -27.20
C GLY A 377 -7.62 -5.58 -27.22
N MET A 378 -7.51 -4.95 -26.06
CA MET A 378 -7.66 -3.50 -25.97
C MET A 378 -6.46 -2.77 -25.41
N VAL A 379 -5.28 -3.37 -25.57
CA VAL A 379 -4.02 -2.65 -25.35
C VAL A 379 -3.24 -2.61 -26.65
N GLN A 380 -2.79 -1.42 -27.03
CA GLN A 380 -2.09 -1.26 -28.30
C GLN A 380 -1.08 -0.11 -28.23
N ALA A 381 -0.15 -0.10 -29.20
CA ALA A 381 0.95 0.84 -29.16
C ALA A 381 1.62 0.94 -30.52
N PHE A 382 2.53 1.90 -30.62
CA PHE A 382 3.49 1.97 -31.71
C PHE A 382 4.72 2.72 -31.18
N THR A 383 5.78 2.78 -31.98
CA THR A 383 6.97 3.50 -31.61
C THR A 383 7.25 4.58 -32.66
N LEU A 384 7.55 5.78 -32.20
CA LEU A 384 8.00 6.87 -33.07
C LEU A 384 9.46 6.63 -33.39
N VAL A 385 9.80 6.59 -34.69
CA VAL A 385 11.18 6.23 -35.08
C VAL A 385 11.73 7.25 -36.08
N LYS A 386 13.06 7.37 -36.10
CA LYS A 386 13.73 8.29 -37.02
CA LYS A 386 13.73 8.29 -37.02
C LYS A 386 13.75 7.75 -38.44
N ASN A 387 14.01 6.45 -38.59
CA ASN A 387 14.05 5.83 -39.90
C ASN A 387 13.62 4.39 -39.80
N LYS A 388 12.44 4.09 -40.36
CA LYS A 388 11.87 2.75 -40.32
C LYS A 388 12.76 1.69 -40.96
N ALA A 389 13.30 2.01 -42.14
CA ALA A 389 14.09 1.06 -42.92
C ALA A 389 15.32 0.59 -42.17
N LYS A 390 15.88 1.44 -41.30
CA LYS A 390 17.07 1.11 -40.54
C LYS A 390 16.74 0.69 -39.09
N ARG A 391 15.45 0.64 -38.77
CA ARG A 391 14.97 0.49 -37.38
C ARG A 391 15.72 1.43 -36.45
N GLU A 392 15.87 2.68 -36.87
CA GLU A 392 16.68 3.64 -36.13
C GLU A 392 15.78 4.50 -35.25
N LEU A 393 16.06 4.46 -33.95
CA LEU A 393 15.29 5.22 -32.97
C LEU A 393 15.80 6.66 -32.94
N PHE A 394 14.96 7.56 -32.43
CA PHE A 394 15.40 8.93 -32.17
C PHE A 394 16.36 8.92 -31.00
N PRO A 395 17.36 9.85 -31.01
CA PRO A 395 18.25 9.95 -29.86
C PRO A 395 17.54 10.56 -28.64
N ASP A 396 18.14 10.41 -27.46
CA ASP A 396 17.51 10.85 -26.21
C ASP A 396 16.08 10.32 -26.08
N PHE A 397 15.93 9.03 -26.31
CA PHE A 397 14.65 8.33 -26.28
C PHE A 397 13.70 8.93 -25.24
N GLY A 398 12.57 9.44 -25.71
CA GLY A 398 11.59 10.09 -24.83
C GLY A 398 11.27 11.52 -25.22
N GLU A 399 12.25 12.25 -25.77
CA GLU A 399 12.01 13.65 -26.17
C GLU A 399 10.94 13.75 -27.24
N ILE A 400 11.06 12.93 -28.27
CA ILE A 400 10.12 12.90 -29.38
C ILE A 400 8.74 12.39 -28.92
N GLY A 401 8.72 11.40 -28.04
CA GLY A 401 7.47 10.89 -27.45
C GLY A 401 6.69 11.98 -26.72
N THR A 402 7.42 12.81 -25.96
CA THR A 402 6.81 13.90 -25.20
C THR A 402 6.17 14.93 -26.12
N LEU A 403 6.87 15.22 -27.20
CA LEU A 403 6.42 16.14 -28.24
C LEU A 403 5.10 15.65 -28.86
N CYS A 404 5.05 14.35 -29.17
CA CYS A 404 3.85 13.77 -29.77
C CYS A 404 2.69 13.77 -28.78
N ARG A 405 3.00 13.41 -27.54
CA ARG A 405 2.03 13.35 -26.45
C ARG A 405 1.37 14.70 -26.23
N ASP A 406 2.18 15.75 -26.19
CA ASP A 406 1.69 17.13 -26.04
C ASP A 406 0.69 17.52 -27.12
N ILE A 407 0.91 17.03 -28.36
CA ILE A 407 -0.04 17.24 -29.45
C ILE A 407 -1.36 16.53 -29.16
N PHE A 408 -1.30 15.26 -28.76
CA PHE A 408 -2.53 14.53 -28.38
C PHE A 408 -3.32 15.31 -27.33
N PHE A 409 -2.61 15.79 -26.30
CA PHE A 409 -3.24 16.47 -25.18
C PHE A 409 -3.91 17.78 -25.60
N ARG A 410 -3.22 18.55 -26.45
CA ARG A 410 -3.77 19.78 -27.05
CA ARG A 410 -3.82 19.78 -27.00
C ARG A 410 -5.08 19.48 -27.79
N ASN A 411 -5.17 18.28 -28.35
CA ASN A 411 -6.35 17.87 -29.09
C ASN A 411 -7.31 17.02 -28.29
N ASN A 412 -7.21 17.08 -26.96
CA ASN A 412 -8.18 16.47 -26.05
C ASN A 412 -8.30 14.96 -26.21
N LEU A 413 -7.15 14.33 -26.49
CA LEU A 413 -7.03 12.87 -26.54
C LEU A 413 -5.95 12.47 -25.55
N ILE A 414 -6.31 11.59 -24.62
CA ILE A 414 -5.33 11.01 -23.69
C ILE A 414 -4.76 9.71 -24.25
N MET A 415 -3.53 9.79 -24.76
CA MET A 415 -2.73 8.59 -25.00
C MET A 415 -1.38 8.99 -24.49
N ARG A 416 -0.66 8.07 -23.86
CA ARG A 416 0.57 8.49 -23.20
C ARG A 416 1.82 8.04 -23.94
N ALA A 417 2.92 8.71 -23.64
CA ALA A 417 4.22 8.32 -24.16
C ALA A 417 5.03 7.66 -23.06
N CYS A 418 5.68 6.55 -23.42
CA CYS A 418 6.64 5.88 -22.54
C CYS A 418 7.90 5.85 -23.39
N GLY A 419 8.87 6.71 -23.06
CA GLY A 419 9.95 6.96 -24.03
C GLY A 419 9.31 7.46 -25.33
N ASP A 420 9.74 6.91 -26.45
CA ASP A 420 9.12 7.25 -27.73
C ASP A 420 8.03 6.27 -28.14
N HIS A 421 7.59 5.41 -27.22
CA HIS A 421 6.43 4.56 -27.47
C HIS A 421 5.19 5.35 -27.19
N ILE A 422 4.20 5.27 -28.08
CA ILE A 422 2.87 5.79 -27.79
C ILE A 422 1.96 4.63 -27.44
N VAL A 423 1.24 4.76 -26.33
CA VAL A 423 0.46 3.65 -25.77
C VAL A 423 -1.00 4.03 -25.57
N SER A 424 -1.88 3.02 -25.65
CA SER A 424 -3.33 3.22 -25.50
C SER A 424 -3.94 1.99 -24.82
N ALA A 425 -4.87 2.24 -23.90
CA ALA A 425 -5.61 1.21 -23.15
C ALA A 425 -6.95 1.80 -22.73
N PRO A 426 -7.88 1.97 -23.70
CA PRO A 426 -9.12 2.63 -23.35
C PRO A 426 -10.07 1.73 -22.55
N PRO A 427 -11.13 2.29 -21.96
CA PRO A 427 -12.08 1.43 -21.27
C PRO A 427 -12.58 0.34 -22.22
N LEU A 428 -12.82 -0.86 -21.70
CA LEU A 428 -13.12 -2.02 -22.53
C LEU A 428 -14.49 -1.92 -23.20
N VAL A 429 -15.32 -1.05 -22.65
CA VAL A 429 -16.68 -0.80 -23.19
C VAL A 429 -16.75 0.08 -24.44
N MET A 430 -15.61 0.59 -24.88
CA MET A 430 -15.53 1.43 -26.08
C MET A 430 -16.26 0.78 -27.27
N THR A 431 -17.08 1.56 -27.97
CA THR A 431 -17.79 1.05 -29.13
C THR A 431 -16.96 1.25 -30.39
N ARG A 432 -17.37 0.61 -31.49
CA ARG A 432 -16.64 0.78 -32.76
C ARG A 432 -16.61 2.24 -33.17
N ALA A 433 -17.72 2.95 -32.95
CA ALA A 433 -17.79 4.36 -33.32
C ALA A 433 -16.76 5.15 -32.51
N GLU A 434 -16.65 4.81 -31.23
CA GLU A 434 -15.68 5.49 -30.35
C GLU A 434 -14.22 5.16 -30.70
N VAL A 435 -13.97 3.90 -31.09
CA VAL A 435 -12.67 3.50 -31.63
C VAL A 435 -12.32 4.39 -32.81
N ASP A 436 -13.27 4.51 -33.73
CA ASP A 436 -13.00 5.26 -34.96
C ASP A 436 -12.84 6.73 -34.68
N GLU A 437 -13.64 7.26 -33.75
CA GLU A 437 -13.53 8.65 -33.33
C GLU A 437 -12.13 8.93 -32.76
N MET A 438 -11.70 8.08 -31.83
CA MET A 438 -10.37 8.22 -31.21
C MET A 438 -9.25 8.15 -32.26
N LEU A 439 -9.37 7.21 -33.20
CA LEU A 439 -8.33 7.02 -34.20
C LEU A 439 -8.23 8.22 -35.13
N ALA A 440 -9.37 8.83 -35.45
CA ALA A 440 -9.40 9.99 -36.34
C ALA A 440 -8.64 11.17 -35.74
N VAL A 441 -8.83 11.40 -34.44
CA VAL A 441 -8.09 12.42 -33.70
C VAL A 441 -6.59 12.10 -33.68
N ALA A 442 -6.25 10.85 -33.35
CA ALA A 442 -4.85 10.44 -33.31
C ALA A 442 -4.18 10.60 -34.66
N GLU A 443 -4.87 10.22 -35.74
CA GLU A 443 -4.34 10.30 -37.09
C GLU A 443 -4.00 11.77 -37.41
N ARG A 444 -4.93 12.67 -37.10
CA ARG A 444 -4.72 14.10 -37.31
CA ARG A 444 -4.73 14.09 -37.32
C ARG A 444 -3.49 14.59 -36.55
N CYS A 445 -3.35 14.12 -35.32
CA CYS A 445 -2.22 14.51 -34.45
C CYS A 445 -0.88 14.00 -34.98
N LEU A 446 -0.86 12.79 -35.53
CA LEU A 446 0.38 12.26 -36.10
C LEU A 446 0.81 13.04 -37.34
N GLU A 447 -0.16 13.43 -38.17
CA GLU A 447 0.12 14.31 -39.32
C GLU A 447 0.77 15.61 -38.83
N GLU A 448 0.21 16.18 -37.76
CA GLU A 448 0.79 17.36 -37.16
C GLU A 448 2.19 17.07 -36.61
N PHE A 449 2.34 15.92 -35.96
CA PHE A 449 3.63 15.54 -35.38
C PHE A 449 4.76 15.53 -36.41
N GLU A 450 4.48 14.95 -37.57
CA GLU A 450 5.49 14.83 -38.62
C GLU A 450 5.84 16.16 -39.28
N GLN A 451 4.83 17.04 -39.37
CA GLN A 451 5.02 18.41 -39.87
C GLN A 451 6.01 19.15 -38.98
N THR A 452 5.81 19.01 -37.68
CA THR A 452 6.65 19.63 -36.65
C THR A 452 8.07 19.05 -36.63
N LEU A 453 8.20 17.76 -36.97
CA LEU A 453 9.51 17.12 -37.12
C LEU A 453 10.31 17.77 -38.24
N LYS A 454 9.71 17.77 -39.44
CA LYS A 454 10.28 18.38 -40.64
C LYS A 454 10.64 19.85 -40.42
N ALA A 455 9.70 20.63 -39.88
CA ALA A 455 9.89 22.06 -39.66
C ALA A 455 11.00 22.39 -38.65
N ARG A 456 11.34 21.43 -37.80
CA ARG A 456 12.44 21.59 -36.85
C ARG A 456 13.68 20.77 -37.25
N GLY A 457 13.63 20.21 -38.46
CA GLY A 457 14.77 19.51 -39.06
C GLY A 457 15.24 18.25 -38.38
N LEU A 458 14.39 17.70 -37.50
CA LEU A 458 14.73 16.49 -36.73
C LEU A 458 14.31 15.20 -37.46
N ALA A 459 13.58 15.38 -38.57
CA ALA A 459 13.01 14.28 -39.35
C ALA A 459 14.04 13.51 -40.20
N ALA B 33 -20.78 -20.89 13.52
CA ALA B 33 -19.93 -19.79 13.00
C ALA B 33 -20.31 -18.42 13.58
N ARG B 34 -19.49 -17.93 14.49
CA ARG B 34 -19.65 -16.61 15.10
C ARG B 34 -19.37 -15.51 14.08
N VAL B 35 -20.43 -14.83 13.63
CA VAL B 35 -20.28 -13.75 12.64
C VAL B 35 -20.68 -12.38 13.19
N MET B 36 -19.90 -11.35 12.84
CA MET B 36 -20.23 -9.96 13.16
C MET B 36 -21.34 -9.46 12.23
N THR B 37 -22.32 -8.76 12.81
CA THR B 37 -23.46 -8.28 12.03
C THR B 37 -23.56 -6.77 11.96
N ARG B 38 -23.20 -6.06 13.04
CA ARG B 38 -23.23 -4.60 13.00
C ARG B 38 -22.32 -3.97 14.06
N GLY B 39 -22.11 -2.67 13.92
CA GLY B 39 -21.35 -1.89 14.88
C GLY B 39 -21.99 -0.54 15.10
N GLU B 40 -21.96 -0.08 16.35
CA GLU B 40 -22.50 1.21 16.71
C GLU B 40 -21.81 1.75 17.95
N GLY B 41 -21.31 2.97 17.83
CA GLY B 41 -20.53 3.60 18.88
C GLY B 41 -19.31 2.76 19.21
N VAL B 42 -19.29 2.25 20.43
CA VAL B 42 -18.16 1.46 20.92
C VAL B 42 -18.43 -0.03 20.84
N TYR B 43 -19.63 -0.37 20.35
CA TYR B 43 -20.15 -1.74 20.41
C TYR B 43 -20.18 -2.46 19.07
N LEU B 44 -19.88 -3.75 19.11
CA LEU B 44 -20.07 -4.66 17.98
C LEU B 44 -21.12 -5.68 18.40
N TRP B 45 -21.91 -6.14 17.44
CA TRP B 45 -22.90 -7.20 17.68
C TRP B 45 -22.63 -8.41 16.81
N ASP B 46 -22.79 -9.60 17.40
CA ASP B 46 -22.64 -10.87 16.66
C ASP B 46 -23.98 -11.44 16.18
N SER B 47 -23.91 -12.58 15.49
CA SER B 47 -25.10 -13.24 14.93
C SER B 47 -26.10 -13.78 15.98
N GLU B 48 -25.65 -13.90 17.23
CA GLU B 48 -26.47 -14.41 18.33
CA GLU B 48 -26.51 -14.40 18.30
C GLU B 48 -26.94 -13.29 19.27
N GLY B 49 -26.94 -12.05 18.75
CA GLY B 49 -27.39 -10.87 19.50
C GLY B 49 -26.53 -10.40 20.66
N ASN B 50 -25.34 -10.99 20.81
CA ASN B 50 -24.41 -10.60 21.86
C ASN B 50 -23.77 -9.23 21.60
N LYS B 51 -23.71 -8.43 22.64
CA LYS B 51 -23.12 -7.09 22.57
CA LYS B 51 -23.14 -7.08 22.60
C LYS B 51 -21.67 -7.15 23.02
N ILE B 52 -20.75 -6.76 22.12
CA ILE B 52 -19.31 -6.80 22.41
C ILE B 52 -18.73 -5.39 22.52
N ILE B 53 -17.90 -5.16 23.55
CA ILE B 53 -17.25 -3.87 23.73
C ILE B 53 -15.90 -3.90 23.00
N ASP B 54 -15.74 -3.03 22.00
CA ASP B 54 -14.47 -2.96 21.27
C ASP B 54 -13.52 -1.99 21.93
N GLY B 55 -12.72 -2.52 22.85
CA GLY B 55 -11.78 -1.72 23.61
C GLY B 55 -10.55 -1.39 22.79
N MET B 56 -10.55 -1.76 21.51
CA MET B 56 -9.38 -1.54 20.63
C MET B 56 -9.70 -0.76 19.36
N ALA B 57 -10.96 -0.34 19.18
CA ALA B 57 -11.36 0.48 18.02
C ALA B 57 -10.83 -0.06 16.69
N GLY B 58 -11.23 -1.29 16.36
CA GLY B 58 -10.72 -1.99 15.19
C GLY B 58 -9.22 -2.20 15.35
N LEU B 59 -8.45 -1.69 14.40
CA LEU B 59 -6.98 -1.73 14.50
C LEU B 59 -6.45 -0.44 15.08
N TRP B 60 -6.82 -0.12 16.32
CA TRP B 60 -6.51 1.17 16.95
C TRP B 60 -6.90 2.37 16.12
N CYS B 61 -7.90 2.26 15.26
CA CYS B 61 -8.10 3.32 14.25
C CYS B 61 -9.52 3.85 14.12
N VAL B 62 -10.50 3.12 14.66
CA VAL B 62 -11.89 3.57 14.51
C VAL B 62 -12.20 4.66 15.53
N ASN B 63 -11.57 5.82 15.33
CA ASN B 63 -11.54 6.82 16.38
C ASN B 63 -12.87 7.53 16.67
N VAL B 64 -13.68 7.73 15.64
CA VAL B 64 -15.02 8.34 15.82
C VAL B 64 -16.10 7.31 16.17
N GLY B 65 -15.69 6.04 16.28
CA GLY B 65 -16.63 4.95 16.53
C GLY B 65 -17.38 4.41 15.31
N TYR B 66 -18.18 3.38 15.57
CA TYR B 66 -18.93 2.69 14.53
C TYR B 66 -20.27 3.35 14.21
N GLY B 67 -20.83 3.00 13.05
CA GLY B 67 -22.18 3.43 12.66
C GLY B 67 -22.28 4.83 12.08
N ARG B 68 -21.19 5.33 11.50
CA ARG B 68 -21.17 6.67 10.89
C ARG B 68 -21.81 6.64 9.49
N LYS B 69 -23.13 6.72 9.44
CA LYS B 69 -23.85 6.68 8.18
C LYS B 69 -23.55 7.87 7.28
N ASP B 70 -23.12 8.97 7.88
CA ASP B 70 -22.76 10.17 7.14
C ASP B 70 -21.49 9.93 6.31
N PHE B 71 -20.62 9.03 6.78
CA PHE B 71 -19.41 8.66 6.01
C PHE B 71 -19.79 7.92 4.73
N ALA B 72 -20.78 7.02 4.85
CA ALA B 72 -21.38 6.34 3.70
C ALA B 72 -21.94 7.32 2.67
N GLU B 73 -22.66 8.35 3.14
CA GLU B 73 -23.16 9.37 2.23
C GLU B 73 -22.03 10.17 1.57
N ALA B 74 -20.98 10.48 2.32
CA ALA B 74 -19.83 11.16 1.72
C ALA B 74 -19.21 10.32 0.59
N ALA B 75 -19.06 9.02 0.82
CA ALA B 75 -18.47 8.11 -0.16
C ALA B 75 -19.37 8.00 -1.40
N ARG B 76 -20.66 7.81 -1.16
CA ARG B 76 -21.64 7.72 -2.25
C ARG B 76 -21.62 8.98 -3.12
N ARG B 77 -21.69 10.14 -2.48
CA ARG B 77 -21.71 11.41 -3.20
CA ARG B 77 -21.70 11.43 -3.19
C ARG B 77 -20.46 11.59 -4.06
N GLN B 78 -19.30 11.31 -3.48
CA GLN B 78 -18.06 11.43 -4.24
C GLN B 78 -17.97 10.44 -5.39
N MET B 79 -18.42 9.21 -5.17
CA MET B 79 -18.31 8.20 -6.23
CA MET B 79 -18.34 8.19 -6.21
C MET B 79 -19.30 8.48 -7.37
N GLU B 80 -20.47 9.04 -7.03
CA GLU B 80 -21.42 9.38 -8.08
C GLU B 80 -20.97 10.58 -8.90
N GLU B 81 -20.36 11.55 -8.22
CA GLU B 81 -19.99 12.80 -8.85
C GLU B 81 -18.68 12.70 -9.63
N LEU B 82 -17.62 12.23 -8.96
CA LEU B 82 -16.27 12.28 -9.54
C LEU B 82 -15.28 11.44 -8.73
N PRO B 83 -15.22 10.13 -8.99
CA PRO B 83 -14.29 9.29 -8.20
C PRO B 83 -12.84 9.30 -8.72
N PHE B 84 -12.61 9.94 -9.87
CA PHE B 84 -11.30 9.95 -10.49
C PHE B 84 -10.80 11.37 -10.69
N TYR B 85 -9.50 11.49 -10.77
CA TYR B 85 -8.91 12.72 -11.26
C TYR B 85 -7.67 12.42 -12.07
N ASN B 86 -7.72 12.83 -13.32
CA ASN B 86 -6.73 12.44 -14.29
C ASN B 86 -5.57 13.43 -14.31
N THR B 87 -4.38 12.88 -14.53
CA THR B 87 -3.15 13.67 -14.61
C THR B 87 -3.06 14.54 -15.87
N PHE B 88 -3.98 14.31 -16.82
CA PHE B 88 -4.14 15.17 -17.99
C PHE B 88 -4.35 16.62 -17.52
N PHE B 89 -5.08 16.76 -16.41
CA PHE B 89 -5.27 18.05 -15.75
C PHE B 89 -4.12 18.29 -14.78
N LYS B 90 -3.60 19.51 -14.74
CA LYS B 90 -2.47 19.82 -13.85
CA LYS B 90 -2.48 19.89 -13.87
C LYS B 90 -2.95 20.29 -12.47
N THR B 91 -4.27 20.21 -12.27
CA THR B 91 -4.92 20.59 -11.01
CA THR B 91 -4.88 20.58 -10.99
C THR B 91 -5.13 19.36 -10.09
N THR B 92 -5.43 19.62 -8.81
CA THR B 92 -5.70 18.57 -7.84
C THR B 92 -7.23 18.38 -7.70
N HIS B 93 -7.67 17.15 -7.49
CA HIS B 93 -9.08 16.87 -7.24
C HIS B 93 -9.53 17.70 -6.07
N PRO B 94 -10.70 18.37 -6.21
CA PRO B 94 -11.30 19.24 -5.17
C PRO B 94 -11.49 18.56 -3.80
N ALA B 95 -11.85 17.28 -3.78
CA ALA B 95 -11.96 16.55 -2.52
C ALA B 95 -10.61 16.44 -1.81
N VAL B 96 -9.53 16.30 -2.57
CA VAL B 96 -8.18 16.18 -1.98
C VAL B 96 -7.69 17.56 -1.51
N VAL B 97 -7.94 18.60 -2.32
CA VAL B 97 -7.66 19.98 -1.93
C VAL B 97 -8.33 20.32 -0.60
N GLU B 98 -9.62 19.97 -0.50
CA GLU B 98 -10.41 20.24 0.70
C GLU B 98 -9.87 19.46 1.91
N LEU B 99 -9.48 18.21 1.70
CA LEU B 99 -8.94 17.42 2.81
C LEU B 99 -7.62 18.01 3.30
N SER B 100 -6.75 18.38 2.37
CA SER B 100 -5.44 18.92 2.72
C SER B 100 -5.57 20.26 3.47
N SER B 101 -6.50 21.09 3.02
CA SER B 101 -6.75 22.39 3.66
CA SER B 101 -6.75 22.39 3.66
C SER B 101 -7.22 22.20 5.09
N LEU B 102 -8.13 21.24 5.31
CA LEU B 102 -8.59 20.94 6.65
C LEU B 102 -7.46 20.40 7.53
N LEU B 103 -6.69 19.47 6.99
CA LEU B 103 -5.59 18.90 7.75
C LEU B 103 -4.59 19.97 8.20
N ALA B 104 -4.30 20.93 7.33
CA ALA B 104 -3.36 22.02 7.67
C ALA B 104 -3.88 22.86 8.84
N GLU B 105 -5.21 22.98 8.94
CA GLU B 105 -5.81 23.71 10.06
C GLU B 105 -5.62 22.99 11.40
N VAL B 106 -5.43 21.67 11.37
CA VAL B 106 -5.26 20.86 12.60
C VAL B 106 -3.88 20.25 12.87
N THR B 107 -3.04 20.14 11.84
CA THR B 107 -1.66 19.63 12.02
C THR B 107 -0.77 20.78 12.49
N PRO B 108 0.40 20.45 13.11
CA PRO B 108 1.34 21.47 13.56
C PRO B 108 1.81 22.39 12.42
N ALA B 109 2.32 23.57 12.79
CA ALA B 109 2.86 24.51 11.83
C ALA B 109 3.89 23.83 10.94
N GLY B 110 3.86 24.17 9.65
CA GLY B 110 4.90 23.78 8.69
C GLY B 110 4.74 22.51 7.88
N PHE B 111 3.56 21.88 7.92
CA PHE B 111 3.32 20.58 7.26
C PHE B 111 2.30 20.68 6.14
N ASP B 112 2.41 21.75 5.37
CA ASP B 112 1.47 22.01 4.29
CA ASP B 112 1.53 22.06 4.23
C ASP B 112 1.58 20.98 3.16
N ARG B 113 2.72 20.28 3.06
CA ARG B 113 2.91 19.27 2.02
C ARG B 113 2.48 17.87 2.52
N VAL B 114 1.43 17.31 1.92
CA VAL B 114 0.95 15.98 2.29
C VAL B 114 1.02 15.07 1.07
N PHE B 115 1.51 13.85 1.26
CA PHE B 115 1.61 12.87 0.19
C PHE B 115 0.68 11.75 0.63
N TYR B 116 -0.46 11.57 -0.05
CA TYR B 116 -1.39 10.51 0.33
C TYR B 116 -0.98 9.14 -0.15
N THR B 117 -1.37 8.14 0.63
CA THR B 117 -1.09 6.74 0.32
C THR B 117 -2.37 5.94 0.58
N ASN B 118 -2.29 4.64 0.39
CA ASN B 118 -3.42 3.76 0.70
C ASN B 118 -3.41 3.15 2.09
N SER B 119 -2.30 3.31 2.84
CA SER B 119 -2.21 2.64 4.13
C SER B 119 -1.01 3.14 4.91
N GLY B 120 -1.02 2.86 6.22
CA GLY B 120 0.12 3.19 7.10
C GLY B 120 1.37 2.47 6.64
N SER B 121 1.23 1.23 6.20
CA SER B 121 2.38 0.47 5.68
C SER B 121 2.99 1.17 4.46
N GLU B 122 2.15 1.65 3.53
CA GLU B 122 2.66 2.40 2.39
CA GLU B 122 2.64 2.41 2.38
C GLU B 122 3.27 3.74 2.80
N SER B 123 2.69 4.39 3.80
CA SER B 123 3.22 5.66 4.31
C SER B 123 4.67 5.51 4.76
N VAL B 124 4.92 4.43 5.49
CA VAL B 124 6.28 4.15 6.00
C VAL B 124 7.22 3.90 4.83
N ASP B 125 6.80 3.08 3.87
CA ASP B 125 7.65 2.76 2.73
C ASP B 125 7.98 4.03 1.95
N THR B 126 6.97 4.88 1.73
CA THR B 126 7.15 6.14 1.04
C THR B 126 8.10 7.07 1.81
N MET B 127 7.91 7.13 3.13
CA MET B 127 8.73 7.98 4.01
C MET B 127 10.20 7.54 3.90
N ILE B 128 10.45 6.24 3.87
CA ILE B 128 11.84 5.76 3.77
C ILE B 128 12.45 6.25 2.45
N ARG B 129 11.71 6.08 1.34
CA ARG B 129 12.19 6.60 0.06
C ARG B 129 12.41 8.11 0.08
N MET B 130 11.53 8.87 0.74
CA MET B 130 11.67 10.34 0.80
CA MET B 130 11.66 10.33 0.79
C MET B 130 12.88 10.79 1.55
N VAL B 131 13.12 10.15 2.69
CA VAL B 131 14.23 10.51 3.55
C VAL B 131 15.54 10.28 2.80
N ARG B 132 15.63 9.16 2.09
CA ARG B 132 16.82 8.83 1.33
C ARG B 132 17.03 9.79 0.16
N ARG B 133 15.95 10.10 -0.54
CA ARG B 133 16.02 11.04 -1.66
C ARG B 133 16.38 12.46 -1.20
N TYR B 134 15.83 12.89 -0.08
CA TYR B 134 16.16 14.21 0.48
C TYR B 134 17.68 14.40 0.60
N TRP B 135 18.34 13.47 1.26
CA TRP B 135 19.81 13.53 1.39
C TRP B 135 20.52 13.41 0.07
N ASP B 136 19.98 12.60 -0.86
CA ASP B 136 20.52 12.54 -2.24
C ASP B 136 20.55 13.94 -2.86
N VAL B 137 19.42 14.65 -2.77
CA VAL B 137 19.28 16.01 -3.31
C VAL B 137 20.24 17.00 -2.65
N GLN B 138 20.42 16.88 -1.33
CA GLN B 138 21.36 17.71 -0.57
C GLN B 138 22.82 17.47 -0.92
N GLY B 139 23.08 16.43 -1.72
CA GLY B 139 24.44 16.08 -2.09
C GLY B 139 25.12 15.21 -1.06
N LYS B 140 24.33 14.45 -0.32
CA LYS B 140 24.84 13.55 0.70
C LYS B 140 24.24 12.15 0.54
N PRO B 141 24.57 11.49 -0.59
CA PRO B 141 23.99 10.18 -0.90
C PRO B 141 24.42 9.07 0.06
N GLU B 142 25.42 9.36 0.90
CA GLU B 142 25.91 8.39 1.88
CA GLU B 142 25.89 8.37 1.86
C GLU B 142 25.00 8.33 3.10
N LYS B 143 24.20 9.38 3.30
CA LYS B 143 23.32 9.47 4.46
C LYS B 143 22.07 8.68 4.14
N LYS B 144 22.14 7.38 4.37
CA LYS B 144 21.05 6.51 3.95
C LYS B 144 20.48 5.60 5.03
N THR B 145 21.16 5.53 6.17
CA THR B 145 20.74 4.60 7.20
C THR B 145 19.65 5.20 8.05
N LEU B 146 18.59 4.42 8.24
CA LEU B 146 17.54 4.85 9.15
C LEU B 146 17.66 4.03 10.42
N ILE B 147 17.47 4.69 11.56
CA ILE B 147 17.56 4.01 12.85
C ILE B 147 16.13 3.90 13.41
N GLY B 148 15.77 2.69 13.79
CA GLY B 148 14.50 2.38 14.50
C GLY B 148 14.82 1.78 15.86
N ARG B 149 13.84 1.09 16.44
CA ARG B 149 13.97 0.51 17.78
C ARG B 149 13.51 -0.94 17.82
N TRP B 150 14.14 -1.73 18.69
CA TRP B 150 13.61 -3.06 18.97
C TRP B 150 12.23 -2.90 19.55
N ASN B 151 11.31 -3.77 19.11
CA ASN B 151 9.91 -3.73 19.55
C ASN B 151 9.16 -2.51 19.00
N GLY B 152 9.74 -1.88 17.98
CA GLY B 152 9.06 -0.84 17.23
C GLY B 152 8.34 -1.49 16.06
N TYR B 153 7.21 -0.92 15.68
CA TYR B 153 6.42 -1.45 14.57
C TYR B 153 6.06 -0.38 13.56
N HIS B 154 6.42 -0.65 12.31
CA HIS B 154 6.27 0.32 11.23
C HIS B 154 5.71 -0.30 9.98
N GLY B 155 4.81 -1.24 10.17
CA GLY B 155 4.03 -1.77 9.06
C GLY B 155 4.64 -3.02 8.46
N SER B 156 4.08 -3.44 7.33
CA SER B 156 4.35 -4.78 6.84
C SER B 156 5.11 -4.87 5.50
N THR B 157 5.48 -3.73 4.91
CA THR B 157 6.27 -3.80 3.67
C THR B 157 7.68 -4.30 4.00
N ILE B 158 8.42 -4.71 2.97
CA ILE B 158 9.80 -5.14 3.17
C ILE B 158 10.58 -4.04 3.89
N GLY B 159 10.43 -2.79 3.41
CA GLY B 159 11.10 -1.65 4.04
C GLY B 159 10.61 -1.38 5.46
N GLY B 160 9.29 -1.39 5.66
CA GLY B 160 8.72 -1.15 6.99
C GLY B 160 9.04 -2.23 8.02
N ALA B 161 9.04 -3.50 7.61
CA ALA B 161 9.40 -4.59 8.49
C ALA B 161 10.86 -4.54 8.90
N SER B 162 11.69 -3.97 8.03
CA SER B 162 13.13 -3.85 8.27
C SER B 162 13.40 -2.72 9.23
N LEU B 163 12.65 -1.63 9.10
CA LEU B 163 12.74 -0.49 10.04
C LEU B 163 12.16 -0.84 11.41
N GLY B 164 11.05 -1.59 11.40
CA GLY B 164 10.51 -2.15 12.65
C GLY B 164 11.52 -3.05 13.34
N GLY B 165 11.26 -3.32 14.62
CA GLY B 165 12.19 -4.11 15.45
C GLY B 165 11.58 -5.36 16.03
N MET B 166 10.61 -5.94 15.32
CA MET B 166 9.95 -7.14 15.81
C MET B 166 10.82 -8.32 15.39
N LYS B 167 11.36 -9.02 16.38
CA LYS B 167 12.33 -10.09 16.13
C LYS B 167 11.78 -11.15 15.17
N TYR B 168 10.55 -11.58 15.40
CA TYR B 168 9.92 -12.61 14.59
C TYR B 168 9.67 -12.18 13.13
N MET B 169 9.47 -10.88 12.90
CA MET B 169 9.26 -10.39 11.54
CA MET B 169 9.27 -10.35 11.55
C MET B 169 10.56 -10.47 10.72
N HIS B 170 11.68 -10.27 11.40
CA HIS B 170 13.03 -10.32 10.81
C HIS B 170 13.44 -11.74 10.46
N GLU B 171 13.54 -12.59 11.49
CA GLU B 171 13.95 -14.00 11.34
C GLU B 171 12.95 -14.86 10.56
N GLN B 172 11.77 -14.30 10.31
CA GLN B 172 10.85 -14.83 9.31
C GLN B 172 11.29 -14.14 8.01
N GLY B 173 12.60 -14.15 7.78
CA GLY B 173 13.14 -13.65 6.52
C GLY B 173 14.62 -13.36 6.58
N ASP B 174 15.08 -12.56 5.62
CA ASP B 174 16.40 -11.98 5.65
C ASP B 174 16.22 -10.46 5.67
N LEU B 175 15.46 -10.04 6.66
CA LEU B 175 15.30 -8.65 7.01
C LEU B 175 16.25 -8.45 8.18
N PRO B 176 16.75 -7.20 8.39
CA PRO B 176 16.45 -5.99 7.61
C PRO B 176 17.23 -5.85 6.31
N ILE B 177 16.64 -5.11 5.38
CA ILE B 177 17.33 -4.64 4.19
C ILE B 177 18.46 -3.73 4.64
N PRO B 178 19.40 -3.42 3.74
CA PRO B 178 20.55 -2.63 4.15
C PRO B 178 20.18 -1.22 4.55
N GLY B 179 21.03 -0.58 5.33
CA GLY B 179 20.78 0.81 5.70
C GLY B 179 19.67 0.93 6.75
N MET B 180 19.54 -0.10 7.57
CA MET B 180 18.63 -0.06 8.72
C MET B 180 19.41 -0.43 9.98
N ALA B 181 19.19 0.30 11.07
CA ALA B 181 19.81 -0.06 12.35
C ALA B 181 18.81 0.15 13.49
N HIS B 182 19.09 -0.43 14.64
CA HIS B 182 18.12 -0.42 15.74
C HIS B 182 18.77 -0.17 17.04
N ILE B 183 18.06 0.56 17.91
CA ILE B 183 18.50 0.76 19.28
C ILE B 183 17.44 0.20 20.22
N GLU B 184 17.82 0.01 21.48
CA GLU B 184 16.91 -0.49 22.48
C GLU B 184 15.74 0.48 22.76
N GLN B 185 14.59 -0.07 23.13
CA GLN B 185 13.36 0.68 23.36
C GLN B 185 13.36 1.26 24.78
N PRO B 186 12.71 2.42 24.94
CA PRO B 186 12.64 3.08 26.26
C PRO B 186 11.56 2.45 27.18
N TRP B 187 11.75 1.16 27.51
CA TRP B 187 10.85 0.41 28.39
C TRP B 187 11.44 0.36 29.79
N TRP B 188 10.96 1.26 30.66
CA TRP B 188 11.59 1.44 31.97
C TRP B 188 11.41 0.22 32.86
N TYR B 189 10.26 -0.41 32.77
CA TYR B 189 9.97 -1.53 33.71
C TYR B 189 11.05 -2.61 33.58
N LYS B 190 11.48 -2.87 32.35
CA LYS B 190 12.48 -3.91 32.07
CA LYS B 190 12.49 -3.92 32.17
C LYS B 190 13.93 -3.41 32.14
N HIS B 191 14.17 -2.22 31.58
CA HIS B 191 15.53 -1.70 31.39
C HIS B 191 15.97 -0.60 32.32
N GLY B 192 15.06 -0.15 33.18
CA GLY B 192 15.30 1.00 34.06
C GLY B 192 16.30 0.81 35.19
N LYS B 193 16.57 -0.44 35.57
CA LYS B 193 17.51 -0.74 36.66
C LYS B 193 17.14 0.08 37.90
N ASP B 194 18.07 0.86 38.45
CA ASP B 194 17.70 1.72 39.58
C ASP B 194 17.65 3.22 39.27
N MET B 195 17.43 3.53 38.00
CA MET B 195 17.15 4.89 37.58
C MET B 195 15.68 5.22 37.78
N THR B 196 15.36 6.50 38.04
CA THR B 196 13.99 6.98 37.94
C THR B 196 13.61 6.98 36.46
N PRO B 197 12.30 6.96 36.15
CA PRO B 197 11.88 7.10 34.76
C PRO B 197 12.56 8.26 34.06
N ASP B 198 12.60 9.44 34.67
CA ASP B 198 13.24 10.60 34.00
C ASP B 198 14.74 10.43 33.74
N GLU B 199 15.49 9.86 34.70
CA GLU B 199 16.89 9.54 34.44
C GLU B 199 17.03 8.52 33.30
N PHE B 200 16.15 7.54 33.30
CA PHE B 200 16.16 6.47 32.30
C PHE B 200 15.82 7.06 30.91
N GLY B 201 14.91 8.03 30.86
CA GLY B 201 14.59 8.70 29.57
C GLY B 201 15.82 9.25 28.87
N VAL B 202 16.69 9.91 29.63
CA VAL B 202 17.94 10.47 29.08
C VAL B 202 18.88 9.36 28.61
N VAL B 203 19.05 8.32 29.43
CA VAL B 203 19.86 7.16 29.07
C VAL B 203 19.34 6.46 27.78
N ALA B 204 18.03 6.26 27.71
CA ALA B 204 17.43 5.54 26.58
C ALA B 204 17.52 6.38 25.31
N ALA B 205 17.42 7.69 25.45
CA ALA B 205 17.58 8.54 24.28
C ALA B 205 19.04 8.57 23.83
N ARG B 206 19.98 8.58 24.78
CA ARG B 206 21.38 8.63 24.41
C ARG B 206 21.86 7.37 23.70
N TRP B 207 21.13 6.26 23.83
CA TRP B 207 21.39 5.11 22.95
C TRP B 207 21.39 5.50 21.49
N LEU B 208 20.56 6.48 21.13
CA LEU B 208 20.57 6.98 19.73
C LEU B 208 21.88 7.65 19.38
N GLU B 209 22.36 8.53 20.26
CA GLU B 209 23.68 9.15 20.04
C GLU B 209 24.78 8.09 19.85
N GLU B 210 24.79 7.08 20.73
CA GLU B 210 25.77 6.00 20.64
CA GLU B 210 25.77 5.99 20.63
C GLU B 210 25.72 5.31 19.28
N LYS B 211 24.51 5.01 18.79
CA LYS B 211 24.36 4.33 17.51
C LYS B 211 24.76 5.25 16.35
N ILE B 212 24.38 6.52 16.41
CA ILE B 212 24.78 7.49 15.36
C ILE B 212 26.31 7.55 15.27
N LEU B 213 26.95 7.65 16.44
CA LEU B 213 28.40 7.80 16.47
C LEU B 213 29.11 6.54 16.01
N GLU B 214 28.53 5.39 16.29
CA GLU B 214 29.07 4.09 15.87
C GLU B 214 29.04 4.00 14.35
N ILE B 215 27.88 4.24 13.75
CA ILE B 215 27.70 4.24 12.30
C ILE B 215 28.48 5.39 11.62
N GLY B 216 28.54 6.54 12.30
CA GLY B 216 29.04 7.79 11.72
C GLY B 216 27.84 8.64 11.27
N ALA B 217 27.75 9.87 11.76
CA ALA B 217 26.59 10.73 11.42
C ALA B 217 26.45 10.93 9.92
N ASP B 218 27.56 10.88 9.20
CA ASP B 218 27.57 11.10 7.75
CA ASP B 218 27.60 11.07 7.75
C ASP B 218 26.90 9.96 6.97
N LYS B 219 26.56 8.88 7.67
CA LYS B 219 25.90 7.75 7.04
C LYS B 219 24.46 7.57 7.52
N VAL B 220 24.00 8.46 8.41
CA VAL B 220 22.69 8.29 9.03
C VAL B 220 21.71 9.33 8.46
N ALA B 221 20.60 8.83 7.92
CA ALA B 221 19.57 9.66 7.31
C ALA B 221 18.51 10.13 8.31
N ALA B 222 18.07 9.25 9.21
CA ALA B 222 16.89 9.57 10.03
C ALA B 222 16.78 8.65 11.22
N PHE B 223 16.10 9.14 12.26
CA PHE B 223 15.62 8.29 13.35
C PHE B 223 14.09 8.26 13.24
N VAL B 224 13.49 7.08 13.38
CA VAL B 224 12.04 6.93 13.26
C VAL B 224 11.46 6.27 14.51
N GLY B 225 10.38 6.83 15.05
CA GLY B 225 9.74 6.16 16.18
C GLY B 225 8.29 6.55 16.34
N GLU B 226 7.50 5.59 16.81
CA GLU B 226 6.14 5.88 17.29
C GLU B 226 6.26 6.68 18.61
N PRO B 227 5.51 7.80 18.75
CA PRO B 227 5.61 8.52 20.03
C PRO B 227 5.38 7.64 21.25
N ILE B 228 4.34 6.79 21.19
CA ILE B 228 4.12 5.67 22.10
C ILE B 228 4.15 4.42 21.24
N GLN B 229 4.96 3.43 21.59
CA GLN B 229 4.99 2.18 20.81
C GLN B 229 3.70 1.40 20.99
N GLY B 230 2.97 1.21 19.89
CA GLY B 230 1.66 0.59 19.92
C GLY B 230 1.71 -0.92 19.99
N ALA B 231 2.06 -1.57 18.88
CA ALA B 231 2.09 -3.04 18.81
C ALA B 231 3.08 -3.65 19.79
N GLY B 232 4.10 -2.86 20.14
CA GLY B 232 5.07 -3.24 21.15
C GLY B 232 4.49 -3.30 22.57
N GLY B 233 3.25 -2.83 22.73
CA GLY B 233 2.56 -2.92 24.04
C GLY B 233 2.30 -1.62 24.77
N VAL B 234 2.12 -0.51 24.05
CA VAL B 234 1.87 0.83 24.64
C VAL B 234 3.00 1.16 25.62
N ILE B 235 4.22 1.18 25.12
CA ILE B 235 5.39 1.55 25.91
C ILE B 235 5.43 3.08 25.89
N VAL B 236 5.22 3.68 27.04
CA VAL B 236 5.13 5.14 27.14
C VAL B 236 6.47 5.62 27.63
N PRO B 237 7.22 6.38 26.80
CA PRO B 237 8.52 6.83 27.25
C PRO B 237 8.42 7.91 28.34
N PRO B 238 9.47 8.04 29.17
CA PRO B 238 9.58 9.11 30.16
C PRO B 238 9.54 10.47 29.47
N ALA B 239 9.14 11.50 30.21
CA ALA B 239 9.04 12.84 29.63
C ALA B 239 10.37 13.37 29.09
N THR B 240 11.48 12.91 29.64
CA THR B 240 12.81 13.40 29.24
C THR B 240 13.28 12.81 27.91
N TYR B 241 12.61 11.76 27.42
CA TYR B 241 13.14 10.97 26.30
C TYR B 241 13.10 11.73 24.99
N TRP B 242 11.91 12.17 24.57
CA TRP B 242 11.75 12.81 23.24
C TRP B 242 12.53 14.09 23.04
N PRO B 243 12.58 14.96 24.06
CA PRO B 243 13.45 16.14 23.89
C PRO B 243 14.93 15.82 23.72
N GLU B 244 15.42 14.77 24.39
CA GLU B 244 16.81 14.33 24.24
C GLU B 244 17.04 13.71 22.86
N ILE B 245 16.10 12.86 22.42
CA ILE B 245 16.13 12.34 21.04
C ILE B 245 16.24 13.51 20.06
N GLU B 246 15.36 14.51 20.22
CA GLU B 246 15.38 15.65 19.29
C GLU B 246 16.70 16.42 19.36
N ARG B 247 17.21 16.69 20.57
CA ARG B 247 18.52 17.36 20.70
C ARG B 247 19.62 16.62 19.92
N ILE B 248 19.63 15.30 20.07
CA ILE B 248 20.60 14.44 19.41
C ILE B 248 20.44 14.50 17.88
N CYS B 249 19.21 14.38 17.38
CA CYS B 249 19.00 14.43 15.93
C CYS B 249 19.48 15.75 15.35
N ARG B 250 19.20 16.83 16.06
CA ARG B 250 19.56 18.16 15.56
C ARG B 250 21.08 18.36 15.61
N LYS B 251 21.71 17.82 16.65
CA LYS B 251 23.17 17.94 16.78
C LYS B 251 23.91 17.25 15.64
N TYR B 252 23.39 16.09 15.22
CA TYR B 252 24.07 15.26 14.22
C TYR B 252 23.52 15.32 12.80
N ASP B 253 22.57 16.24 12.59
CA ASP B 253 21.96 16.49 11.28
C ASP B 253 21.30 15.20 10.77
N VAL B 254 20.47 14.62 11.63
CA VAL B 254 19.70 13.42 11.32
C VAL B 254 18.22 13.82 11.34
N LEU B 255 17.45 13.40 10.35
CA LEU B 255 16.03 13.76 10.35
C LEU B 255 15.28 13.00 11.43
N LEU B 256 14.21 13.61 11.93
CA LEU B 256 13.47 13.01 13.00
C LEU B 256 12.08 12.73 12.46
N VAL B 257 11.65 11.46 12.55
CA VAL B 257 10.37 11.07 11.94
C VAL B 257 9.48 10.45 13.01
N ALA B 258 8.26 10.97 13.16
CA ALA B 258 7.26 10.38 14.05
C ALA B 258 6.36 9.44 13.25
N ASP B 259 6.15 8.22 13.73
CA ASP B 259 5.17 7.34 13.11
C ASP B 259 3.87 7.42 13.92
N GLU B 260 2.84 8.02 13.32
CA GLU B 260 1.60 8.34 14.03
C GLU B 260 0.52 7.32 13.71
N VAL B 261 0.96 6.10 13.38
CA VAL B 261 0.04 4.99 13.02
C VAL B 261 -1.06 4.76 14.05
N ILE B 262 -0.71 4.87 15.33
CA ILE B 262 -1.65 4.66 16.40
C ILE B 262 -1.94 5.94 17.20
N CYS B 263 -0.93 6.78 17.37
CA CYS B 263 -1.12 8.04 18.11
C CYS B 263 -1.87 9.09 17.31
N GLY B 264 -2.04 8.89 16.01
CA GLY B 264 -2.63 9.92 15.16
C GLY B 264 -4.12 10.12 15.41
N PHE B 265 -4.59 11.31 15.08
CA PHE B 265 -6.03 11.64 15.07
C PHE B 265 -6.71 11.52 16.42
N GLY B 266 -6.03 12.06 17.44
CA GLY B 266 -6.70 12.38 18.71
C GLY B 266 -6.44 11.45 19.87
N ARG B 267 -5.71 10.37 19.60
CA ARG B 267 -5.56 9.28 20.57
C ARG B 267 -5.01 9.70 21.95
N THR B 268 -4.03 10.60 21.96
CA THR B 268 -3.38 11.04 23.22
C THR B 268 -4.05 12.29 23.77
N GLY B 269 -5.00 12.84 23.02
CA GLY B 269 -5.70 14.07 23.40
C GLY B 269 -5.21 15.24 22.59
N GLU B 270 -4.01 15.09 22.03
CA GLU B 270 -3.53 16.00 20.98
C GLU B 270 -3.86 15.37 19.65
N TRP B 271 -3.79 16.16 18.58
CA TRP B 271 -4.09 15.61 17.26
C TRP B 271 -3.13 14.49 16.95
N PHE B 272 -1.88 14.71 17.31
CA PHE B 272 -0.79 13.76 17.07
C PHE B 272 0.07 13.55 18.30
N GLY B 273 0.55 12.32 18.45
CA GLY B 273 1.36 12.00 19.60
C GLY B 273 2.62 12.83 19.77
N HIS B 274 3.25 13.25 18.67
CA HIS B 274 4.46 14.08 18.79
C HIS B 274 4.15 15.40 19.46
N GLN B 275 2.92 15.88 19.32
CA GLN B 275 2.53 17.13 20.00
C GLN B 275 2.43 16.93 21.50
N HIS B 276 1.92 15.77 21.90
CA HIS B 276 1.83 15.45 23.32
C HIS B 276 3.21 15.38 23.95
N PHE B 277 4.13 14.75 23.25
CA PHE B 277 5.47 14.58 23.76
C PHE B 277 6.40 15.77 23.53
N GLY B 278 5.92 16.75 22.77
CA GLY B 278 6.63 18.01 22.58
C GLY B 278 7.89 17.89 21.75
N PHE B 279 7.82 17.14 20.65
CA PHE B 279 8.90 17.17 19.67
C PHE B 279 8.38 17.55 18.29
N GLN B 280 9.27 18.10 17.48
CA GLN B 280 8.96 18.58 16.12
CA GLN B 280 8.95 18.57 16.13
C GLN B 280 9.59 17.67 15.07
N PRO B 281 8.83 16.69 14.56
CA PRO B 281 9.46 15.83 13.55
C PRO B 281 9.58 16.58 12.22
N ASP B 282 10.52 16.15 11.40
CA ASP B 282 10.68 16.70 10.06
C ASP B 282 9.68 16.13 9.07
N LEU B 283 9.18 14.94 9.37
CA LEU B 283 8.08 14.30 8.62
C LEU B 283 7.36 13.41 9.61
N PHE B 284 6.08 13.12 9.33
CA PHE B 284 5.39 12.08 10.11
C PHE B 284 4.42 11.26 9.26
N THR B 285 4.29 9.99 9.59
CA THR B 285 3.45 9.07 8.79
C THR B 285 2.12 8.80 9.50
N ALA B 286 1.06 8.65 8.71
CA ALA B 286 -0.29 8.40 9.21
C ALA B 286 -0.88 7.17 8.51
N ALA B 287 -1.84 6.49 9.17
CA ALA B 287 -2.47 5.30 8.62
C ALA B 287 -3.97 5.58 8.53
N LYS B 288 -4.78 4.53 8.50
CA LYS B 288 -6.21 4.70 8.19
C LYS B 288 -7.06 5.30 9.32
N GLY B 289 -6.44 5.60 10.47
CA GLY B 289 -7.03 6.53 11.45
C GLY B 289 -7.49 7.83 10.81
N LEU B 290 -6.84 8.22 9.72
CA LEU B 290 -7.23 9.38 8.95
C LEU B 290 -8.70 9.31 8.47
N SER B 291 -9.21 8.10 8.24
CA SER B 291 -10.62 7.91 7.87
C SER B 291 -11.42 7.13 8.93
N SER B 292 -10.87 6.98 10.13
CA SER B 292 -11.40 6.07 11.15
C SER B 292 -11.56 4.65 10.60
N GLY B 293 -10.74 4.28 9.61
CA GLY B 293 -10.76 2.95 9.04
C GLY B 293 -11.88 2.69 8.04
N TYR B 294 -12.73 3.70 7.80
CA TYR B 294 -13.92 3.49 6.97
C TYR B 294 -13.58 3.27 5.50
N LEU B 295 -12.44 3.80 5.07
CA LEU B 295 -11.84 3.45 3.75
C LEU B 295 -10.32 3.41 3.92
N PRO B 296 -9.64 2.60 3.11
CA PRO B 296 -8.18 2.58 3.34
C PRO B 296 -7.53 3.85 2.86
N ILE B 297 -6.65 4.41 3.69
CA ILE B 297 -5.94 5.64 3.33
C ILE B 297 -4.77 5.78 4.30
N GLY B 298 -3.82 6.61 3.92
CA GLY B 298 -2.72 6.98 4.80
C GLY B 298 -2.10 8.25 4.26
N ALA B 299 -1.06 8.75 4.92
CA ALA B 299 -0.39 9.94 4.42
C ALA B 299 1.01 10.08 4.97
N VAL B 300 1.89 10.74 4.23
CA VAL B 300 3.12 11.25 4.80
C VAL B 300 2.99 12.76 4.86
N PHE B 301 3.08 13.29 6.07
CA PHE B 301 3.07 14.74 6.30
C PHE B 301 4.50 15.21 6.31
N VAL B 302 4.82 16.13 5.39
CA VAL B 302 6.22 16.50 5.17
C VAL B 302 6.46 17.94 5.58
N GLY B 303 7.40 18.14 6.50
CA GLY B 303 7.76 19.46 6.99
C GLY B 303 8.38 20.33 5.92
N LYS B 304 8.41 21.62 6.22
CA LYS B 304 8.89 22.63 5.28
CA LYS B 304 8.90 22.66 5.31
C LYS B 304 10.29 22.34 4.74
N ARG B 305 11.24 22.00 5.61
CA ARG B 305 12.61 21.74 5.19
C ARG B 305 12.71 20.58 4.18
N VAL B 306 12.11 19.45 4.52
CA VAL B 306 12.18 18.28 3.66
C VAL B 306 11.38 18.49 2.36
N ALA B 307 10.19 19.09 2.47
CA ALA B 307 9.38 19.41 1.28
C ALA B 307 10.17 20.26 0.29
N GLU B 308 10.80 21.34 0.77
CA GLU B 308 11.61 22.21 -0.09
CA GLU B 308 11.65 22.22 -0.07
C GLU B 308 12.78 21.45 -0.73
N GLY B 309 13.42 20.57 0.04
CA GLY B 309 14.51 19.75 -0.46
C GLY B 309 14.12 18.75 -1.52
N LEU B 310 12.89 18.22 -1.43
CA LEU B 310 12.37 17.23 -2.37
C LEU B 310 11.86 17.89 -3.65
N ILE B 311 11.23 19.05 -3.49
CA ILE B 311 10.68 19.79 -4.64
C ILE B 311 11.79 20.23 -5.59
N ALA B 312 12.99 20.39 -5.06
CA ALA B 312 14.19 20.62 -5.85
C ALA B 312 14.53 19.39 -6.70
N GLY B 313 14.38 18.20 -6.12
CA GLY B 313 14.64 16.93 -6.81
C GLY B 313 13.64 16.64 -7.92
N GLY B 314 12.35 16.80 -7.61
CA GLY B 314 11.28 16.71 -8.61
C GLY B 314 10.58 15.38 -8.79
N ASP B 315 11.05 14.34 -8.09
CA ASP B 315 10.52 12.99 -8.30
C ASP B 315 9.48 12.47 -7.28
N PHE B 316 9.06 13.31 -6.35
CA PHE B 316 7.84 13.04 -5.58
C PHE B 316 6.73 14.01 -5.96
N ASN B 317 6.99 14.84 -6.98
CA ASN B 317 6.02 15.84 -7.44
C ASN B 317 4.71 15.25 -7.94
N HIS B 318 4.80 14.15 -8.69
CA HIS B 318 3.61 13.46 -9.16
C HIS B 318 2.73 13.05 -7.99
N GLY B 319 3.35 12.44 -6.99
CA GLY B 319 2.62 12.05 -5.78
C GLY B 319 2.06 13.22 -5.00
N PHE B 320 2.87 14.27 -4.83
CA PHE B 320 2.40 15.48 -4.13
C PHE B 320 1.19 16.16 -4.80
N THR B 321 1.11 16.01 -6.13
CA THR B 321 0.03 16.61 -6.91
C THR B 321 -1.14 15.64 -7.06
N TYR B 322 -0.83 14.38 -7.40
CA TYR B 322 -1.84 13.41 -7.82
C TYR B 322 -2.14 12.31 -6.82
N SER B 323 -1.50 12.35 -5.65
CA SER B 323 -1.79 11.38 -4.62
C SER B 323 -3.15 11.67 -4.01
N GLY B 324 -3.81 10.60 -3.60
CA GLY B 324 -5.04 10.67 -2.85
C GLY B 324 -6.18 10.19 -3.69
N HIS B 325 -6.70 9.00 -3.37
CA HIS B 325 -7.92 8.53 -4.02
C HIS B 325 -9.06 9.40 -3.56
N PRO B 326 -9.75 10.04 -4.52
CA PRO B 326 -10.74 11.06 -4.15
C PRO B 326 -11.88 10.57 -3.27
N VAL B 327 -12.32 9.32 -3.43
CA VAL B 327 -13.41 8.81 -2.61
C VAL B 327 -12.94 8.57 -1.18
N CYS B 328 -11.76 7.98 -1.06
CA CYS B 328 -11.16 7.84 0.26
C CYS B 328 -10.91 9.23 0.90
N ALA B 329 -10.50 10.22 0.10
CA ALA B 329 -10.25 11.58 0.61
C ALA B 329 -11.54 12.22 1.13
N ALA B 330 -12.65 12.00 0.43
CA ALA B 330 -13.96 12.52 0.90
C ALA B 330 -14.37 11.95 2.24
N VAL B 331 -14.12 10.65 2.44
CA VAL B 331 -14.46 10.03 3.72
C VAL B 331 -13.52 10.55 4.79
N ALA B 332 -12.22 10.65 4.46
CA ALA B 332 -11.27 11.15 5.44
C ALA B 332 -11.62 12.59 5.83
N HIS B 333 -12.05 13.40 4.88
CA HIS B 333 -12.43 14.78 5.20
C HIS B 333 -13.59 14.82 6.17
N ALA B 334 -14.59 13.98 5.91
CA ALA B 334 -15.76 13.87 6.81
C ALA B 334 -15.33 13.46 8.21
N ASN B 335 -14.36 12.55 8.27
CA ASN B 335 -13.86 12.06 9.53
C ASN B 335 -13.09 13.14 10.30
N VAL B 336 -12.17 13.82 9.61
CA VAL B 336 -11.36 14.84 10.25
C VAL B 336 -12.25 16.01 10.68
N ALA B 337 -13.23 16.36 9.84
CA ALA B 337 -14.22 17.37 10.21
C ALA B 337 -14.99 17.00 11.47
N ALA B 338 -15.39 15.72 11.59
CA ALA B 338 -16.16 15.26 12.74
C ALA B 338 -15.28 15.28 13.99
N LEU B 339 -14.03 14.85 13.85
CA LEU B 339 -13.12 14.91 14.97
C LEU B 339 -12.95 16.33 15.52
N ARG B 340 -12.92 17.32 14.64
CA ARG B 340 -12.76 18.70 15.07
C ARG B 340 -14.11 19.29 15.50
N ASP B 341 -15.08 19.27 14.58
CA ASP B 341 -16.37 19.96 14.76
C ASP B 341 -17.23 19.41 15.89
N GLU B 342 -17.20 18.11 16.10
CA GLU B 342 -18.00 17.50 17.16
C GLU B 342 -17.23 17.51 18.50
N GLY B 343 -16.06 18.15 18.49
CA GLY B 343 -15.24 18.33 19.68
C GLY B 343 -14.58 17.07 20.25
N ILE B 344 -14.41 16.05 19.41
CA ILE B 344 -13.98 14.74 19.87
C ILE B 344 -12.54 14.73 20.38
N VAL B 345 -11.61 15.35 19.64
CA VAL B 345 -10.21 15.45 20.09
C VAL B 345 -10.10 16.28 21.38
N GLN B 346 -10.78 17.43 21.40
CA GLN B 346 -10.72 18.31 22.57
C GLN B 346 -11.25 17.58 23.81
N ARG B 347 -12.31 16.80 23.62
CA ARG B 347 -12.93 16.03 24.70
C ARG B 347 -11.95 15.00 25.28
N VAL B 348 -11.12 14.38 24.42
CA VAL B 348 -10.09 13.50 24.93
C VAL B 348 -9.11 14.25 25.84
N LYS B 349 -8.67 15.42 25.39
CA LYS B 349 -7.66 16.19 26.13
CA LYS B 349 -7.66 16.19 26.13
C LYS B 349 -8.15 16.60 27.52
N ASP B 350 -9.35 17.15 27.57
CA ASP B 350 -9.87 17.88 28.75
CA ASP B 350 -9.78 17.79 28.81
C ASP B 350 -10.95 17.13 29.54
N ASP B 351 -11.48 16.05 28.98
CA ASP B 351 -12.66 15.41 29.58
C ASP B 351 -12.54 13.89 29.75
N ILE B 352 -12.84 13.13 28.69
CA ILE B 352 -12.85 11.66 28.79
C ILE B 352 -11.44 11.11 29.00
N GLY B 353 -10.42 11.79 28.49
CA GLY B 353 -9.04 11.35 28.67
C GLY B 353 -8.66 11.27 30.15
N PRO B 354 -8.75 12.41 30.87
CA PRO B 354 -8.44 12.39 32.30
C PRO B 354 -9.27 11.37 33.09
N TYR B 355 -10.55 11.25 32.73
CA TYR B 355 -11.44 10.29 33.37
C TYR B 355 -10.98 8.86 33.17
N MET B 356 -10.72 8.50 31.91
CA MET B 356 -10.23 7.17 31.61
C MET B 356 -8.92 6.88 32.34
N GLN B 357 -8.02 7.85 32.36
CA GLN B 357 -6.69 7.64 32.96
C GLN B 357 -6.80 7.42 34.46
N LYS B 358 -7.68 8.18 35.10
CA LYS B 358 -7.90 8.09 36.55
C LYS B 358 -8.55 6.76 36.91
N ARG B 359 -9.67 6.46 36.25
CA ARG B 359 -10.39 5.20 36.44
C ARG B 359 -9.54 3.96 36.15
N TRP B 360 -8.74 4.01 35.07
CA TRP B 360 -7.84 2.92 34.69
C TRP B 360 -6.90 2.57 35.82
N ARG B 361 -6.30 3.61 36.40
CA ARG B 361 -5.37 3.48 37.52
C ARG B 361 -6.10 3.04 38.80
N GLU B 362 -7.30 3.57 39.04
CA GLU B 362 -8.15 3.14 40.18
C GLU B 362 -8.50 1.66 40.10
N THR B 363 -8.78 1.20 38.87
CA THR B 363 -9.22 -0.17 38.65
C THR B 363 -8.11 -1.22 38.77
N PHE B 364 -6.96 -0.97 38.14
CA PHE B 364 -5.95 -2.03 37.97
C PHE B 364 -4.76 -2.04 38.93
N SER B 365 -4.48 -0.89 39.57
CA SER B 365 -3.28 -0.72 40.41
C SER B 365 -3.24 -1.68 41.62
N ARG B 366 -4.42 -2.15 42.05
CA ARG B 366 -4.55 -2.98 43.26
CA ARG B 366 -4.52 -2.97 43.26
C ARG B 366 -4.14 -4.44 43.06
N PHE B 367 -4.18 -4.92 41.81
CA PHE B 367 -3.93 -6.35 41.54
C PHE B 367 -2.49 -6.80 41.75
N GLU B 368 -2.36 -7.98 42.35
CA GLU B 368 -1.06 -8.56 42.68
C GLU B 368 -0.16 -8.83 41.47
N HIS B 369 -0.75 -9.22 40.34
CA HIS B 369 0.05 -9.56 39.16
C HIS B 369 -0.06 -8.55 38.03
N VAL B 370 -0.43 -7.32 38.37
CA VAL B 370 -0.54 -6.21 37.40
C VAL B 370 0.41 -5.12 37.83
N ASP B 371 1.23 -4.62 36.91
CA ASP B 371 2.08 -3.48 37.26
C ASP B 371 2.23 -2.54 36.06
N ASP B 372 2.90 -1.41 36.29
CA ASP B 372 3.14 -0.40 35.24
C ASP B 372 1.83 0.02 34.56
N VAL B 373 0.83 0.31 35.39
CA VAL B 373 -0.44 0.84 34.92
C VAL B 373 -0.14 2.23 34.35
N ARG B 374 -0.49 2.41 33.08
CA ARG B 374 -0.02 3.55 32.29
C ARG B 374 -1.04 3.95 31.22
N GLY B 375 -0.80 5.11 30.64
CA GLY B 375 -1.65 5.62 29.57
C GLY B 375 -1.78 7.13 29.57
N VAL B 376 -2.20 7.67 28.44
CA VAL B 376 -2.60 9.07 28.36
C VAL B 376 -3.68 9.20 27.30
N GLY B 377 -4.61 10.13 27.49
CA GLY B 377 -5.69 10.32 26.52
C GLY B 377 -6.60 9.12 26.52
N MET B 378 -6.75 8.46 25.37
CA MET B 378 -7.51 7.23 25.28
C MET B 378 -6.68 6.00 24.87
N VAL B 379 -5.37 6.07 25.08
CA VAL B 379 -4.56 4.85 25.00
C VAL B 379 -4.07 4.51 26.39
N GLN B 380 -4.24 3.25 26.80
CA GLN B 380 -3.82 2.84 28.15
C GLN B 380 -3.43 1.37 28.20
N ALA B 381 -2.63 1.02 29.20
CA ALA B 381 -2.12 -0.34 29.27
C ALA B 381 -1.73 -0.70 30.69
N PHE B 382 -1.41 -1.98 30.87
CA PHE B 382 -0.65 -2.45 32.02
C PHE B 382 0.13 -3.68 31.62
N THR B 383 0.95 -4.18 32.53
CA THR B 383 1.74 -5.36 32.25
C THR B 383 1.42 -6.42 33.31
N LEU B 384 1.15 -7.65 32.86
CA LEU B 384 1.04 -8.81 33.75
C LEU B 384 2.44 -9.23 34.16
N VAL B 385 2.66 -9.32 35.47
CA VAL B 385 4.00 -9.61 36.01
C VAL B 385 3.93 -10.75 37.04
N LYS B 386 5.04 -11.47 37.16
CA LYS B 386 5.18 -12.55 38.15
CA LYS B 386 5.17 -12.55 38.14
C LYS B 386 5.29 -11.97 39.56
N ASN B 387 6.07 -10.91 39.69
CA ASN B 387 6.31 -10.29 40.99
C ASN B 387 6.58 -8.80 40.88
N LYS B 388 5.65 -7.99 41.38
CA LYS B 388 5.75 -6.52 41.33
CA LYS B 388 5.76 -6.53 41.30
C LYS B 388 6.99 -6.01 42.03
N ALA B 389 7.23 -6.54 43.23
CA ALA B 389 8.30 -6.03 44.08
C ALA B 389 9.67 -6.20 43.45
N LYS B 390 9.82 -7.25 42.65
CA LYS B 390 11.08 -7.55 41.97
CA LYS B 390 11.09 -7.52 41.99
C LYS B 390 11.10 -7.03 40.53
N ARG B 391 9.99 -6.44 40.10
CA ARG B 391 9.76 -6.09 38.68
C ARG B 391 10.07 -7.32 37.81
N GLU B 392 9.58 -8.48 38.24
CA GLU B 392 9.92 -9.74 37.58
C GLU B 392 8.83 -10.15 36.61
N LEU B 393 9.20 -10.30 35.34
CA LEU B 393 8.23 -10.67 34.33
C LEU B 393 8.05 -12.20 34.32
N PHE B 394 6.92 -12.64 33.78
CA PHE B 394 6.67 -14.07 33.57
C PHE B 394 7.62 -14.57 32.49
N PRO B 395 8.09 -15.83 32.60
CA PRO B 395 8.93 -16.39 31.55
C PRO B 395 8.14 -16.62 30.25
N ASP B 396 8.86 -16.73 29.14
CA ASP B 396 8.23 -16.93 27.82
C ASP B 396 7.21 -15.82 27.54
N PHE B 397 7.65 -14.58 27.75
CA PHE B 397 6.84 -13.38 27.57
C PHE B 397 5.82 -13.57 26.45
N GLY B 398 4.53 -13.57 26.79
CA GLY B 398 3.46 -13.84 25.82
C GLY B 398 2.40 -14.86 26.21
N GLU B 399 2.83 -15.98 26.80
CA GLU B 399 1.91 -17.06 27.25
C GLU B 399 0.83 -16.53 28.16
N ILE B 400 1.25 -15.76 29.16
CA ILE B 400 0.37 -15.25 30.21
C ILE B 400 -0.59 -14.18 29.68
N GLY B 401 -0.08 -13.28 28.84
CA GLY B 401 -0.93 -12.27 28.20
C GLY B 401 -2.07 -12.87 27.39
N THR B 402 -1.76 -13.96 26.68
CA THR B 402 -2.72 -14.73 25.90
C THR B 402 -3.85 -15.30 26.77
N LEU B 403 -3.47 -15.90 27.89
CA LEU B 403 -4.46 -16.49 28.78
C LEU B 403 -5.35 -15.41 29.39
N CYS B 404 -4.80 -14.22 29.65
CA CYS B 404 -5.61 -13.10 30.09
C CYS B 404 -6.51 -12.59 28.98
N ARG B 405 -5.94 -12.49 27.76
CA ARG B 405 -6.69 -12.09 26.56
C ARG B 405 -7.90 -13.01 26.33
N ASP B 406 -7.67 -14.32 26.45
CA ASP B 406 -8.72 -15.33 26.26
C ASP B 406 -9.91 -15.13 27.20
N ILE B 407 -9.63 -14.77 28.45
CA ILE B 407 -10.69 -14.46 29.42
C ILE B 407 -11.49 -13.25 28.98
N PHE B 408 -10.78 -12.20 28.54
CA PHE B 408 -11.41 -10.97 28.07
C PHE B 408 -12.43 -11.27 26.99
N PHE B 409 -12.01 -12.07 26.02
CA PHE B 409 -12.81 -12.40 24.85
C PHE B 409 -14.05 -13.22 25.23
N ARG B 410 -13.86 -14.22 26.09
CA ARG B 410 -14.98 -15.01 26.63
C ARG B 410 -16.04 -14.15 27.30
N ASN B 411 -15.61 -13.03 27.86
CA ASN B 411 -16.52 -12.07 28.47
C ASN B 411 -16.89 -10.91 27.56
N ASN B 412 -16.71 -11.09 26.25
CA ASN B 412 -17.14 -10.11 25.23
C ASN B 412 -16.55 -8.71 25.39
N LEU B 413 -15.29 -8.67 25.79
CA LEU B 413 -14.51 -7.45 25.83
C LEU B 413 -13.25 -7.65 24.99
N ILE B 414 -13.07 -6.76 24.00
CA ILE B 414 -11.89 -6.80 23.14
C ILE B 414 -10.83 -5.88 23.72
N MET B 415 -9.83 -6.50 24.34
CA MET B 415 -8.58 -5.82 24.66
C MET B 415 -7.47 -6.72 24.15
N ARG B 416 -6.37 -6.12 23.70
CA ARG B 416 -5.33 -6.88 23.04
C ARG B 416 -4.19 -7.23 24.01
N ALA B 417 -3.55 -8.36 23.75
CA ALA B 417 -2.33 -8.73 24.45
C ALA B 417 -1.16 -8.56 23.49
N CYS B 418 -0.16 -7.80 23.93
CA CYS B 418 1.11 -7.69 23.22
C CYS B 418 2.16 -8.24 24.16
N GLY B 419 2.63 -9.47 23.91
CA GLY B 419 3.41 -10.19 24.91
C GLY B 419 2.55 -10.27 26.15
N ASP B 420 3.10 -9.91 27.32
CA ASP B 420 2.27 -9.88 28.53
C ASP B 420 1.71 -8.51 28.86
N HIS B 421 1.76 -7.59 27.90
CA HIS B 421 1.09 -6.30 28.07
C HIS B 421 -0.33 -6.44 27.66
N ILE B 422 -1.24 -5.83 28.42
CA ILE B 422 -2.64 -5.74 28.03
C ILE B 422 -2.85 -4.31 27.61
N VAL B 423 -3.43 -4.12 26.43
CA VAL B 423 -3.60 -2.78 25.88
C VAL B 423 -5.04 -2.45 25.52
N SER B 424 -5.37 -1.17 25.57
CA SER B 424 -6.69 -0.70 25.21
C SER B 424 -6.58 0.62 24.46
N ALA B 425 -7.44 0.77 23.45
CA ALA B 425 -7.54 1.99 22.66
C ALA B 425 -8.95 2.09 22.06
N PRO B 426 -9.93 2.42 22.90
CA PRO B 426 -11.29 2.41 22.42
C PRO B 426 -11.62 3.61 21.52
N PRO B 427 -12.77 3.56 20.80
CA PRO B 427 -13.15 4.74 20.05
C PRO B 427 -13.16 5.97 20.97
N LEU B 428 -12.77 7.13 20.44
CA LEU B 428 -12.61 8.34 21.26
C LEU B 428 -13.93 8.87 21.82
N VAL B 429 -15.03 8.45 21.21
CA VAL B 429 -16.38 8.91 21.56
C VAL B 429 -16.95 8.17 22.76
N MET B 430 -16.20 7.21 23.28
CA MET B 430 -16.63 6.43 24.43
C MET B 430 -17.09 7.35 25.56
N THR B 431 -18.23 7.05 26.16
CA THR B 431 -18.76 7.84 27.26
C THR B 431 -18.22 7.37 28.61
N ARG B 432 -18.43 8.17 29.66
CA ARG B 432 -18.07 7.77 31.03
C ARG B 432 -18.74 6.45 31.46
N ALA B 433 -20.03 6.30 31.15
CA ALA B 433 -20.77 5.05 31.42
C ALA B 433 -20.11 3.86 30.75
N GLU B 434 -19.75 4.03 29.48
CA GLU B 434 -19.08 2.99 28.70
C GLU B 434 -17.66 2.69 29.22
N VAL B 435 -16.95 3.72 29.67
CA VAL B 435 -15.65 3.51 30.30
C VAL B 435 -15.79 2.63 31.54
N ASP B 436 -16.73 3.01 32.41
CA ASP B 436 -16.99 2.23 33.63
C ASP B 436 -17.50 0.83 33.30
N GLU B 437 -18.40 0.72 32.33
CA GLU B 437 -18.88 -0.60 31.86
C GLU B 437 -17.71 -1.47 31.42
N MET B 438 -16.80 -0.88 30.65
CA MET B 438 -15.65 -1.62 30.15
C MET B 438 -14.71 -2.07 31.28
N LEU B 439 -14.40 -1.15 32.18
CA LEU B 439 -13.51 -1.45 33.30
C LEU B 439 -14.11 -2.48 34.25
N ALA B 440 -15.44 -2.46 34.41
CA ALA B 440 -16.16 -3.44 35.22
C ALA B 440 -15.96 -4.87 34.69
N VAL B 441 -16.11 -5.04 33.38
CA VAL B 441 -15.84 -6.33 32.74
C VAL B 441 -14.36 -6.71 32.85
N ALA B 442 -13.47 -5.75 32.59
CA ALA B 442 -12.03 -5.96 32.73
C ALA B 442 -11.65 -6.41 34.16
N GLU B 443 -12.21 -5.73 35.15
CA GLU B 443 -11.96 -6.06 36.57
C GLU B 443 -12.33 -7.50 36.88
N ARG B 444 -13.52 -7.92 36.47
CA ARG B 444 -14.00 -9.29 36.67
C ARG B 444 -13.05 -10.33 36.09
N CYS B 445 -12.56 -10.07 34.88
CA CYS B 445 -11.59 -10.93 34.21
C CYS B 445 -10.24 -10.97 34.92
N LEU B 446 -9.79 -9.82 35.42
CA LEU B 446 -8.54 -9.78 36.18
C LEU B 446 -8.69 -10.50 37.54
N GLU B 447 -9.84 -10.31 38.19
CA GLU B 447 -10.16 -11.05 39.41
CA GLU B 447 -10.20 -11.05 39.40
C GLU B 447 -10.13 -12.54 39.11
N GLU B 448 -10.67 -12.92 37.95
CA GLU B 448 -10.62 -14.29 37.47
C GLU B 448 -9.21 -14.75 37.12
N PHE B 449 -8.48 -13.97 36.31
CA PHE B 449 -7.13 -14.32 35.86
C PHE B 449 -6.20 -14.75 36.99
N GLU B 450 -6.22 -14.03 38.10
CA GLU B 450 -5.33 -14.33 39.22
C GLU B 450 -5.71 -15.59 39.99
N GLN B 451 -7.01 -15.87 40.08
CA GLN B 451 -7.50 -17.12 40.64
C GLN B 451 -6.99 -18.29 39.81
N THR B 452 -7.00 -18.11 38.49
CA THR B 452 -6.53 -19.13 37.53
C THR B 452 -5.02 -19.36 37.60
N LEU B 453 -4.27 -18.31 37.93
CA LEU B 453 -2.81 -18.42 38.10
C LEU B 453 -2.46 -19.40 39.23
N LYS B 454 -3.04 -19.18 40.40
CA LYS B 454 -2.85 -20.03 41.57
C LYS B 454 -3.22 -21.49 41.30
N ALA B 455 -4.41 -21.70 40.72
CA ALA B 455 -4.92 -23.03 40.41
C ALA B 455 -4.00 -23.82 39.46
N ARG B 456 -3.11 -23.11 38.78
CA ARG B 456 -2.09 -23.74 37.93
C ARG B 456 -0.75 -23.77 38.64
N GLY B 457 -0.62 -23.00 39.72
CA GLY B 457 0.64 -22.88 40.46
C GLY B 457 1.67 -22.04 39.74
N LEU B 458 1.22 -21.21 38.81
CA LEU B 458 2.08 -20.30 38.06
C LEU B 458 2.24 -18.95 38.78
N ALA B 459 1.36 -18.71 39.76
CA ALA B 459 1.35 -17.48 40.56
C ALA B 459 2.62 -17.31 41.41
#